data_2Q76
#
_entry.id   2Q76
#
_cell.length_a   108.760
_cell.length_b   80.250
_cell.length_c   91.500
_cell.angle_alpha   90.00
_cell.angle_beta   91.50
_cell.angle_gamma   90.00
#
_symmetry.space_group_name_H-M   'C 1 2 1'
#
loop_
_entity.id
_entity.type
_entity.pdbx_description
1 polymer 'Fab F10.6.6 fragment Light Chain'
2 polymer 'Fab F10.6.6 fragment Heavy Chain'
3 water water
#
loop_
_entity_poly.entity_id
_entity_poly.type
_entity_poly.pdbx_seq_one_letter_code
_entity_poly.pdbx_strand_id
1 'polypeptide(L)'
;DIELTQSPATLSVTPGDSVSLSCRASQSISNNLHWYQQKSHESPRLLIKYTSQSMSGIPSRFSGSGSGTDFTLSINSVET
EDFGVYFCQQSGSWPRTFGGGTKLDIKRADAAPTVSIFPPSSEQLTSGGASVVCFLNNFYPKDINVKWKIDGSERQNGVL
NSWTDQDSKDSTYSMSSTLTLTKDEYERHNSYTCEATHKTSTSPIVKSFNRN
;
A,C
2 'polypeptide(L)'
;EVQLEQSGAELMKPGASVKISCKATGYTFTTYWIEWIKQRPGHSLEWIGEILPGSDSTYYNEKVKGKVTFTADASSNTAY
MQLSSLTSEDSAVYYCARGDGFYVYWGQGTTLTVSSASTTPPSVYPLAPGSAAQTNSMVTLGCLVKGYFPEPVTVTWNSG
SLSSGVHTFPAVLQSDLYTLSSSVTVPSSPWPSETVTCNVAHPASSTKVDKKIVPR
;
B,D
#
# COMPACT_ATOMS: atom_id res chain seq x y z
N ASP A 1 21.97 20.00 -13.31
CA ASP A 1 21.14 19.07 -12.49
C ASP A 1 21.92 18.41 -11.37
N ILE A 2 21.35 18.40 -10.18
CA ILE A 2 22.00 17.76 -9.04
C ILE A 2 21.95 16.27 -9.28
N GLU A 3 23.11 15.64 -9.30
CA GLU A 3 23.19 14.20 -9.51
C GLU A 3 23.34 13.49 -8.17
N LEU A 4 22.50 12.48 -7.95
CA LEU A 4 22.54 11.70 -6.72
C LEU A 4 23.18 10.36 -7.07
N THR A 5 24.30 10.04 -6.44
CA THR A 5 24.98 8.78 -6.69
C THR A 5 24.79 7.89 -5.49
N GLN A 6 24.24 6.71 -5.71
CA GLN A 6 24.00 5.78 -4.61
C GLN A 6 25.04 4.68 -4.64
N SER A 7 25.34 4.16 -3.46
CA SER A 7 26.31 3.10 -3.31
C SER A 7 25.83 2.23 -2.15
N PRO A 8 25.93 0.90 -2.28
CA PRO A 8 26.45 0.14 -3.41
C PRO A 8 25.34 0.02 -4.45
N ALA A 9 25.67 -0.40 -5.66
CA ALA A 9 24.66 -0.58 -6.69
C ALA A 9 23.73 -1.74 -6.30
N THR A 10 24.31 -2.78 -5.73
CA THR A 10 23.54 -3.94 -5.29
C THR A 10 24.20 -4.47 -4.04
N LEU A 11 23.47 -5.28 -3.29
CA LEU A 11 24.04 -5.89 -2.10
C LEU A 11 23.09 -6.95 -1.58
N SER A 12 23.67 -8.00 -1.02
CA SER A 12 22.92 -9.11 -0.49
C SER A 12 23.18 -9.06 1.02
N VAL A 13 22.11 -9.06 1.81
CA VAL A 13 22.28 -8.99 3.26
C VAL A 13 21.52 -10.11 3.96
N THR A 14 22.09 -10.59 5.06
CA THR A 14 21.47 -11.66 5.83
C THR A 14 20.59 -11.05 6.91
N PRO A 15 19.35 -11.55 7.08
CA PRO A 15 18.48 -10.98 8.11
C PRO A 15 19.22 -10.83 9.43
N GLY A 16 19.05 -9.67 10.06
CA GLY A 16 19.72 -9.42 11.32
C GLY A 16 20.89 -8.48 11.12
N ASP A 17 21.41 -8.39 9.89
CA ASP A 17 22.53 -7.48 9.63
C ASP A 17 22.06 -6.04 9.64
N SER A 18 22.94 -5.15 10.08
CA SER A 18 22.63 -3.73 10.09
C SER A 18 23.14 -3.31 8.73
N VAL A 19 22.46 -2.36 8.10
CA VAL A 19 22.83 -1.91 6.78
C VAL A 19 22.86 -0.40 6.73
N SER A 20 23.74 0.14 5.90
CA SER A 20 23.82 1.57 5.70
C SER A 20 24.00 1.79 4.21
N LEU A 21 23.01 2.42 3.60
CA LEU A 21 23.04 2.71 2.18
C LEU A 21 23.46 4.15 1.95
N SER A 22 24.29 4.36 0.94
CA SER A 22 24.80 5.68 0.65
C SER A 22 24.15 6.39 -0.55
N CYS A 23 24.02 7.71 -0.41
CA CYS A 23 23.48 8.54 -1.47
C CYS A 23 24.23 9.86 -1.36
N ARG A 24 24.93 10.21 -2.43
CA ARG A 24 25.71 11.43 -2.43
C ARG A 24 25.25 12.36 -3.54
N ALA A 25 25.09 13.64 -3.21
CA ALA A 25 24.65 14.62 -4.19
C ALA A 25 25.86 15.34 -4.77
N SER A 26 25.79 15.66 -6.05
CA SER A 26 26.88 16.36 -6.74
C SER A 26 27.17 17.71 -6.09
N GLN A 27 26.14 18.31 -5.49
CA GLN A 27 26.29 19.56 -4.79
C GLN A 27 25.29 19.59 -3.63
N SER A 28 25.44 20.57 -2.75
CA SER A 28 24.56 20.66 -1.60
C SER A 28 23.08 20.67 -1.95
N ILE A 29 22.29 20.00 -1.12
CA ILE A 29 20.85 19.96 -1.29
C ILE A 29 20.29 20.14 0.11
N SER A 30 21.18 20.48 1.03
CA SER A 30 20.83 20.70 2.43
C SER A 30 20.26 19.40 2.96
N ASN A 31 19.07 19.45 3.55
CA ASN A 31 18.42 18.27 4.10
C ASN A 31 17.29 17.81 3.20
N ASN A 32 17.20 18.38 2.00
CA ASN A 32 16.13 18.04 1.05
C ASN A 32 16.42 16.73 0.33
N LEU A 33 16.53 15.64 1.09
CA LEU A 33 16.84 14.34 0.53
C LEU A 33 15.86 13.32 1.12
N HIS A 34 15.23 12.54 0.25
CA HIS A 34 14.24 11.57 0.68
C HIS A 34 14.58 10.17 0.22
N TRP A 35 14.08 9.17 0.96
CA TRP A 35 14.36 7.79 0.65
C TRP A 35 13.12 6.96 0.37
N TYR A 36 13.24 6.05 -0.60
CA TYR A 36 12.14 5.19 -0.98
C TYR A 36 12.61 3.75 -1.11
N GLN A 37 11.63 2.85 -1.01
CA GLN A 37 11.85 1.44 -1.19
C GLN A 37 10.84 1.07 -2.25
N GLN A 38 11.28 0.39 -3.30
CA GLN A 38 10.34 0.01 -4.33
C GLN A 38 10.41 -1.47 -4.57
N LYS A 39 9.24 -2.09 -4.55
CA LYS A 39 9.10 -3.52 -4.80
C LYS A 39 8.76 -3.59 -6.28
N SER A 40 9.03 -4.73 -6.90
CA SER A 40 8.74 -4.88 -8.31
C SER A 40 7.27 -4.65 -8.61
N HIS A 41 7.01 -3.91 -9.68
CA HIS A 41 5.67 -3.58 -10.14
C HIS A 41 4.81 -2.81 -9.15
N GLU A 42 5.47 -2.04 -8.29
CA GLU A 42 4.80 -1.21 -7.30
C GLU A 42 5.44 0.16 -7.35
N SER A 43 4.68 1.19 -7.01
CA SER A 43 5.25 2.50 -7.00
C SER A 43 6.22 2.55 -5.82
N PRO A 44 7.18 3.47 -5.85
CA PRO A 44 8.12 3.54 -4.73
C PRO A 44 7.35 3.94 -3.47
N ARG A 45 7.80 3.43 -2.32
CA ARG A 45 7.19 3.75 -1.04
C ARG A 45 8.16 4.61 -0.24
N LEU A 46 7.68 5.77 0.19
CA LEU A 46 8.49 6.71 0.96
C LEU A 46 8.85 6.15 2.32
N LEU A 47 10.15 6.06 2.60
CA LEU A 47 10.64 5.54 3.87
C LEU A 47 11.05 6.63 4.85
N ILE A 48 11.89 7.55 4.36
CA ILE A 48 12.40 8.63 5.19
C ILE A 48 12.24 9.95 4.46
N LYS A 49 11.87 11.00 5.18
CA LYS A 49 11.71 12.30 4.56
C LYS A 49 12.74 13.30 5.10
N TYR A 50 13.14 14.23 4.25
CA TYR A 50 14.11 15.25 4.62
C TYR A 50 15.30 14.72 5.42
N THR A 51 16.02 13.77 4.83
CA THR A 51 17.21 13.19 5.42
C THR A 51 17.01 12.24 6.61
N SER A 52 16.30 12.68 7.63
CA SER A 52 16.15 11.85 8.82
C SER A 52 14.77 11.74 9.43
N GLN A 53 13.78 12.39 8.83
CA GLN A 53 12.43 12.36 9.37
C GLN A 53 11.66 11.10 9.02
N SER A 54 10.91 10.60 9.99
CA SER A 54 10.14 9.38 9.81
C SER A 54 8.83 9.56 9.06
N MET A 55 8.37 8.45 8.50
CA MET A 55 7.12 8.40 7.77
C MET A 55 6.24 7.43 8.56
N SER A 56 5.00 7.80 8.81
CA SER A 56 4.12 6.92 9.57
C SER A 56 3.97 5.58 8.86
N GLY A 57 3.88 4.50 9.65
CA GLY A 57 3.72 3.17 9.08
C GLY A 57 5.02 2.53 8.64
N ILE A 58 6.12 3.24 8.77
CA ILE A 58 7.41 2.69 8.37
C ILE A 58 8.10 2.09 9.59
N PRO A 59 8.47 0.81 9.53
CA PRO A 59 9.13 0.13 10.64
C PRO A 59 10.27 0.99 11.20
N SER A 60 10.44 0.97 12.51
CA SER A 60 11.47 1.76 13.17
C SER A 60 12.89 1.41 12.72
N ARG A 61 13.07 0.18 12.22
CA ARG A 61 14.39 -0.28 11.78
C ARG A 61 15.00 0.65 10.74
N PHE A 62 14.16 1.37 10.00
CA PHE A 62 14.66 2.31 9.00
C PHE A 62 14.95 3.67 9.60
N SER A 63 16.09 4.24 9.27
CA SER A 63 16.44 5.56 9.75
C SER A 63 17.28 6.21 8.68
N GLY A 64 17.36 7.54 8.71
CA GLY A 64 18.15 8.24 7.73
C GLY A 64 19.00 9.27 8.41
N SER A 65 20.12 9.64 7.79
CA SER A 65 21.00 10.64 8.36
C SER A 65 21.83 11.22 7.23
N GLY A 66 22.42 12.38 7.49
CA GLY A 66 23.23 13.04 6.48
C GLY A 66 23.16 14.54 6.64
N SER A 67 23.95 15.26 5.87
CA SER A 67 23.97 16.72 5.97
C SER A 67 24.85 17.30 4.89
N GLY A 68 24.23 17.81 3.83
CA GLY A 68 24.99 18.41 2.77
C GLY A 68 24.93 17.62 1.48
N THR A 69 25.94 16.80 1.25
CA THR A 69 25.98 16.00 0.04
C THR A 69 26.15 14.52 0.35
N ASP A 70 26.29 14.17 1.63
CA ASP A 70 26.44 12.77 2.03
C ASP A 70 25.23 12.37 2.85
N PHE A 71 24.52 11.36 2.38
CA PHE A 71 23.33 10.90 3.08
C PHE A 71 23.37 9.41 3.23
N THR A 72 22.70 8.93 4.26
CA THR A 72 22.68 7.53 4.56
C THR A 72 21.31 7.05 4.98
N LEU A 73 20.95 5.87 4.51
CA LEU A 73 19.70 5.24 4.88
C LEU A 73 20.22 4.01 5.61
N SER A 74 19.88 3.89 6.89
CA SER A 74 20.33 2.77 7.68
C SER A 74 19.17 1.86 8.03
N ILE A 75 19.48 0.57 8.05
CA ILE A 75 18.49 -0.41 8.40
C ILE A 75 19.09 -1.20 9.55
N ASN A 76 18.54 -1.01 10.74
CA ASN A 76 19.03 -1.74 11.90
C ASN A 76 18.35 -3.10 11.92
N SER A 77 19.13 -4.15 11.68
CA SER A 77 18.59 -5.50 11.67
C SER A 77 17.64 -5.64 10.50
N VAL A 78 18.21 -5.75 9.32
CA VAL A 78 17.42 -5.88 8.10
C VAL A 78 16.60 -7.16 8.19
N GLU A 79 15.42 -7.15 7.58
CA GLU A 79 14.55 -8.30 7.60
C GLU A 79 14.28 -8.81 6.19
N THR A 80 13.80 -10.04 6.12
CA THR A 80 13.50 -10.68 4.83
C THR A 80 12.60 -9.83 3.91
N GLU A 81 11.61 -9.18 4.51
CA GLU A 81 10.67 -8.34 3.76
C GLU A 81 11.31 -7.04 3.24
N ASP A 82 12.56 -6.79 3.59
CA ASP A 82 13.24 -5.55 3.20
C ASP A 82 13.89 -5.56 1.83
N PHE A 83 13.80 -6.66 1.10
CA PHE A 83 14.41 -6.71 -0.21
C PHE A 83 13.69 -5.75 -1.15
N GLY A 84 14.42 -5.24 -2.14
CA GLY A 84 13.81 -4.31 -3.06
C GLY A 84 14.85 -3.32 -3.53
N VAL A 85 14.38 -2.25 -4.15
CA VAL A 85 15.29 -1.24 -4.65
C VAL A 85 15.09 0.02 -3.84
N TYR A 86 16.18 0.55 -3.29
CA TYR A 86 16.09 1.75 -2.49
C TYR A 86 16.60 2.94 -3.30
N PHE A 87 15.83 4.01 -3.28
CA PHE A 87 16.17 5.23 -4.02
C PHE A 87 16.19 6.43 -3.10
N CYS A 88 17.07 7.38 -3.41
CA CYS A 88 17.09 8.61 -2.67
C CYS A 88 16.64 9.58 -3.74
N GLN A 89 16.10 10.70 -3.31
CA GLN A 89 15.59 11.70 -4.23
C GLN A 89 15.72 13.03 -3.53
N GLN A 90 16.13 14.05 -4.29
CA GLN A 90 16.29 15.38 -3.72
C GLN A 90 15.22 16.36 -4.20
N SER A 91 14.92 17.32 -3.33
CA SER A 91 13.92 18.35 -3.61
C SER A 91 14.49 19.69 -3.18
N GLY A 92 15.80 19.83 -3.26
CA GLY A 92 16.44 21.08 -2.90
C GLY A 92 16.81 21.86 -4.16
N SER A 93 16.59 21.25 -5.31
CA SER A 93 16.91 21.88 -6.57
C SER A 93 16.06 21.38 -7.74
N TRP A 94 15.92 22.21 -8.75
CA TRP A 94 15.16 21.86 -9.94
C TRP A 94 16.12 21.63 -11.09
N PRO A 95 15.90 20.57 -11.88
CA PRO A 95 14.80 19.62 -11.73
C PRO A 95 14.99 18.62 -10.58
N ARG A 96 13.90 18.00 -10.14
CA ARG A 96 14.01 17.00 -9.08
C ARG A 96 14.73 15.83 -9.72
N THR A 97 15.54 15.13 -8.94
CA THR A 97 16.30 14.00 -9.45
C THR A 97 16.32 12.87 -8.43
N PHE A 98 16.54 11.66 -8.92
CA PHE A 98 16.59 10.46 -8.09
C PHE A 98 17.96 9.81 -8.21
N GLY A 99 18.38 9.09 -7.17
CA GLY A 99 19.63 8.38 -7.24
C GLY A 99 19.40 7.21 -8.17
N GLY A 100 20.45 6.47 -8.50
CA GLY A 100 20.32 5.34 -9.41
C GLY A 100 19.72 4.12 -8.74
N GLY A 101 19.60 4.18 -7.42
CA GLY A 101 19.03 3.08 -6.68
C GLY A 101 20.02 2.04 -6.24
N THR A 102 19.68 1.36 -5.15
CA THR A 102 20.49 0.30 -4.59
C THR A 102 19.57 -0.92 -4.53
N LYS A 103 19.94 -1.97 -5.26
CA LYS A 103 19.15 -3.19 -5.27
C LYS A 103 19.60 -4.04 -4.08
N LEU A 104 18.67 -4.25 -3.17
CA LEU A 104 18.95 -5.03 -1.97
C LEU A 104 18.19 -6.33 -1.99
N ASP A 105 18.91 -7.44 -1.86
CA ASP A 105 18.22 -8.70 -1.82
C ASP A 105 18.67 -9.47 -0.58
N ILE A 106 17.85 -10.42 -0.17
CA ILE A 106 18.13 -11.19 1.03
C ILE A 106 19.04 -12.38 0.81
N LYS A 107 20.09 -12.46 1.62
CA LYS A 107 21.02 -13.57 1.53
C LYS A 107 20.38 -14.71 2.31
N ARG A 108 20.40 -15.90 1.73
CA ARG A 108 19.80 -17.06 2.35
C ARG A 108 20.61 -18.29 1.98
N ALA A 109 20.38 -19.40 2.67
CA ALA A 109 21.12 -20.63 2.39
C ALA A 109 21.01 -20.99 0.93
N ASP A 110 22.04 -21.66 0.39
CA ASP A 110 22.03 -22.08 -1.01
C ASP A 110 20.89 -23.07 -1.19
N ALA A 111 20.24 -23.01 -2.35
CA ALA A 111 19.15 -23.91 -2.64
C ALA A 111 19.19 -24.29 -4.10
N ALA A 112 19.25 -25.59 -4.36
CA ALA A 112 19.30 -26.07 -5.73
C ALA A 112 17.92 -25.84 -6.30
N PRO A 113 17.83 -25.59 -7.61
CA PRO A 113 16.54 -25.36 -8.25
C PRO A 113 15.76 -26.65 -8.41
N THR A 114 14.44 -26.52 -8.37
CA THR A 114 13.56 -27.67 -8.58
C THR A 114 13.27 -27.53 -10.07
N VAL A 115 13.76 -28.47 -10.87
CA VAL A 115 13.55 -28.37 -12.30
C VAL A 115 12.43 -29.26 -12.82
N SER A 116 11.60 -28.68 -13.68
CA SER A 116 10.50 -29.40 -14.29
C SER A 116 10.53 -29.08 -15.77
N ILE A 117 10.41 -30.10 -16.62
CA ILE A 117 10.42 -29.88 -18.05
C ILE A 117 9.06 -30.34 -18.58
N PHE A 118 8.52 -29.60 -19.53
CA PHE A 118 7.22 -29.90 -20.11
C PHE A 118 7.27 -29.96 -21.62
N PRO A 119 6.84 -31.09 -22.21
CA PRO A 119 6.86 -31.18 -23.67
C PRO A 119 5.74 -30.32 -24.22
N PRO A 120 5.70 -30.10 -25.54
CA PRO A 120 4.61 -29.28 -26.08
C PRO A 120 3.28 -29.96 -25.84
N SER A 121 2.26 -29.16 -25.56
CA SER A 121 0.93 -29.68 -25.33
C SER A 121 0.35 -30.20 -26.63
N SER A 122 -0.57 -31.16 -26.53
CA SER A 122 -1.21 -31.70 -27.71
C SER A 122 -1.91 -30.57 -28.45
N GLU A 123 -2.48 -29.64 -27.70
CA GLU A 123 -3.17 -28.49 -28.28
C GLU A 123 -2.24 -27.62 -29.12
N GLN A 124 -1.10 -27.23 -28.55
CA GLN A 124 -0.17 -26.41 -29.30
C GLN A 124 0.29 -27.16 -30.56
N LEU A 125 0.56 -28.45 -30.41
CA LEU A 125 0.99 -29.26 -31.54
C LEU A 125 -0.08 -29.18 -32.62
N THR A 126 -1.34 -29.31 -32.23
CA THR A 126 -2.44 -29.25 -33.19
C THR A 126 -2.46 -27.92 -33.94
N SER A 127 -1.99 -26.86 -33.30
CA SER A 127 -1.96 -25.55 -33.94
C SER A 127 -0.72 -25.40 -34.81
N GLY A 128 0.13 -26.42 -34.81
CA GLY A 128 1.33 -26.38 -35.62
C GLY A 128 2.50 -25.74 -34.89
N GLY A 129 2.33 -25.48 -33.60
CA GLY A 129 3.41 -24.89 -32.85
C GLY A 129 4.05 -25.91 -31.93
N ALA A 130 5.26 -25.65 -31.47
CA ALA A 130 5.93 -26.56 -30.56
C ALA A 130 6.79 -25.80 -29.56
N SER A 131 6.41 -25.87 -28.29
CA SER A 131 7.17 -25.19 -27.25
C SER A 131 7.51 -26.17 -26.14
N VAL A 132 8.76 -26.14 -25.69
CA VAL A 132 9.20 -27.01 -24.61
C VAL A 132 9.48 -26.05 -23.47
N VAL A 133 8.76 -26.23 -22.37
CA VAL A 133 8.91 -25.34 -21.23
C VAL A 133 9.67 -25.99 -20.09
N CYS A 134 10.58 -25.22 -19.49
CA CYS A 134 11.35 -25.72 -18.38
C CYS A 134 11.29 -24.74 -17.23
N PHE A 135 10.92 -25.22 -16.05
CA PHE A 135 10.85 -24.36 -14.88
C PHE A 135 11.99 -24.69 -13.91
N LEU A 136 12.73 -23.67 -13.50
CA LEU A 136 13.79 -23.86 -12.53
C LEU A 136 13.32 -23.03 -11.34
N ASN A 137 12.62 -23.67 -10.43
CA ASN A 137 12.05 -22.97 -9.29
C ASN A 137 12.72 -23.00 -7.94
N ASN A 138 12.48 -21.93 -7.20
CA ASN A 138 12.97 -21.77 -5.84
C ASN A 138 14.43 -22.10 -5.62
N PHE A 139 15.31 -21.43 -6.33
CA PHE A 139 16.74 -21.67 -6.15
C PHE A 139 17.43 -20.45 -5.56
N TYR A 140 18.69 -20.62 -5.21
CA TYR A 140 19.49 -19.55 -4.63
C TYR A 140 20.94 -20.01 -4.54
N PRO A 141 21.89 -19.12 -4.88
CA PRO A 141 21.68 -17.75 -5.35
C PRO A 141 21.04 -17.60 -6.72
N LYS A 142 20.69 -16.35 -7.05
CA LYS A 142 20.05 -15.97 -8.30
C LYS A 142 20.79 -16.40 -9.55
N ASP A 143 22.11 -16.24 -9.54
CA ASP A 143 22.91 -16.61 -10.69
C ASP A 143 22.68 -18.06 -11.07
N ILE A 144 22.30 -18.28 -12.33
CA ILE A 144 22.06 -19.61 -12.84
C ILE A 144 22.12 -19.55 -14.36
N ASN A 145 22.38 -20.68 -14.99
CA ASN A 145 22.46 -20.72 -16.43
C ASN A 145 21.76 -21.96 -16.93
N VAL A 146 20.81 -21.77 -17.84
CA VAL A 146 20.07 -22.88 -18.41
C VAL A 146 20.56 -23.06 -19.82
N LYS A 147 20.56 -24.31 -20.28
CA LYS A 147 21.00 -24.61 -21.62
C LYS A 147 20.14 -25.76 -22.13
N TRP A 148 19.66 -25.62 -23.37
CA TRP A 148 18.84 -26.66 -23.97
C TRP A 148 19.68 -27.53 -24.87
N LYS A 149 19.35 -28.82 -24.89
CA LYS A 149 20.05 -29.78 -25.72
C LYS A 149 19.04 -30.65 -26.45
N ILE A 150 19.09 -30.59 -27.78
CA ILE A 150 18.20 -31.40 -28.62
C ILE A 150 19.03 -32.52 -29.21
N ASP A 151 18.76 -33.75 -28.78
CA ASP A 151 19.52 -34.90 -29.25
C ASP A 151 21.02 -34.69 -29.05
N GLY A 152 21.37 -33.98 -27.98
CA GLY A 152 22.77 -33.75 -27.68
C GLY A 152 23.37 -32.46 -28.19
N SER A 153 22.62 -31.68 -28.97
CA SER A 153 23.15 -30.43 -29.48
C SER A 153 22.53 -29.20 -28.83
N GLU A 154 23.39 -28.37 -28.24
CA GLU A 154 22.94 -27.15 -27.59
C GLU A 154 22.18 -26.25 -28.56
N ARG A 155 20.96 -25.91 -28.18
CA ARG A 155 20.11 -25.04 -28.99
C ARG A 155 19.97 -23.69 -28.32
N GLN A 156 20.34 -22.62 -29.02
CA GLN A 156 20.23 -21.27 -28.48
C GLN A 156 19.11 -20.49 -29.15
N ASN A 157 18.89 -20.78 -30.43
CA ASN A 157 17.82 -20.13 -31.18
C ASN A 157 16.47 -20.64 -30.72
N GLY A 158 15.51 -19.72 -30.55
CA GLY A 158 14.18 -20.10 -30.13
C GLY A 158 14.01 -20.25 -28.62
N VAL A 159 15.06 -19.95 -27.86
CA VAL A 159 15.01 -20.06 -26.41
C VAL A 159 14.65 -18.71 -25.76
N LEU A 160 13.67 -18.74 -24.88
CA LEU A 160 13.20 -17.56 -24.18
C LEU A 160 13.33 -17.78 -22.68
N ASN A 161 14.09 -16.91 -22.01
CA ASN A 161 14.31 -17.03 -20.59
C ASN A 161 13.70 -15.89 -19.79
N SER A 162 13.16 -16.22 -18.62
CA SER A 162 12.53 -15.24 -17.75
C SER A 162 12.77 -15.59 -16.27
N TRP A 163 13.15 -14.60 -15.49
CA TRP A 163 13.43 -14.80 -14.07
C TRP A 163 12.42 -14.04 -13.23
N THR A 164 12.18 -14.51 -12.02
CA THR A 164 11.25 -13.86 -11.12
C THR A 164 12.05 -13.01 -10.17
N ASP A 165 11.38 -12.10 -9.46
CA ASP A 165 12.04 -11.28 -8.48
C ASP A 165 12.25 -12.20 -7.29
N GLN A 166 12.98 -11.74 -6.29
CA GLN A 166 13.22 -12.59 -5.13
C GLN A 166 11.90 -12.88 -4.43
N ASP A 167 11.71 -14.14 -4.04
CA ASP A 167 10.48 -14.56 -3.38
C ASP A 167 10.35 -13.96 -1.98
N SER A 168 9.19 -13.37 -1.71
CA SER A 168 8.95 -12.75 -0.41
C SER A 168 8.73 -13.78 0.71
N LYS A 169 8.58 -15.05 0.34
CA LYS A 169 8.36 -16.06 1.35
C LYS A 169 9.60 -16.84 1.75
N ASP A 170 10.38 -17.29 0.78
CA ASP A 170 11.58 -18.06 1.09
C ASP A 170 12.85 -17.45 0.52
N SER A 171 12.76 -16.20 0.08
CA SER A 171 13.90 -15.47 -0.46
C SER A 171 14.62 -16.16 -1.62
N THR A 172 13.97 -17.11 -2.26
CA THR A 172 14.58 -17.79 -3.38
C THR A 172 14.21 -17.09 -4.68
N TYR A 173 14.71 -17.64 -5.78
CA TYR A 173 14.46 -17.10 -7.10
C TYR A 173 13.92 -18.24 -7.95
N SER A 174 13.34 -17.90 -9.09
CA SER A 174 12.81 -18.91 -9.98
C SER A 174 13.02 -18.46 -11.41
N MET A 175 13.03 -19.42 -12.32
CA MET A 175 13.23 -19.08 -13.71
C MET A 175 12.46 -19.99 -14.60
N SER A 176 12.06 -19.45 -15.75
CA SER A 176 11.34 -20.24 -16.74
C SER A 176 12.12 -20.12 -18.03
N SER A 177 12.30 -21.23 -18.71
CA SER A 177 13.01 -21.22 -19.98
C SER A 177 12.15 -21.94 -21.00
N THR A 178 11.80 -21.23 -22.08
CA THR A 178 10.97 -21.80 -23.13
C THR A 178 11.72 -21.93 -24.44
N LEU A 179 11.86 -23.18 -24.90
CA LEU A 179 12.52 -23.47 -26.15
C LEU A 179 11.42 -23.63 -27.19
N THR A 180 11.37 -22.74 -28.16
CA THR A 180 10.33 -22.84 -29.19
C THR A 180 10.91 -23.21 -30.54
N LEU A 181 10.21 -24.12 -31.21
CA LEU A 181 10.61 -24.59 -32.53
C LEU A 181 9.31 -24.85 -33.28
N THR A 182 9.44 -25.05 -34.59
CA THR A 182 8.28 -25.36 -35.40
C THR A 182 7.90 -26.78 -35.04
N LYS A 183 6.68 -27.19 -35.37
CA LYS A 183 6.22 -28.54 -35.08
C LYS A 183 7.12 -29.51 -35.84
N ASP A 184 7.35 -29.22 -37.12
CA ASP A 184 8.19 -30.08 -37.95
C ASP A 184 9.51 -30.36 -37.24
N GLU A 185 10.21 -29.29 -36.87
CA GLU A 185 11.49 -29.43 -36.17
C GLU A 185 11.37 -30.31 -34.95
N TYR A 186 10.41 -30.01 -34.09
CA TYR A 186 10.20 -30.79 -32.88
C TYR A 186 10.05 -32.26 -33.21
N GLU A 187 9.32 -32.54 -34.28
CA GLU A 187 9.05 -33.91 -34.72
C GLU A 187 10.28 -34.57 -35.33
N ARG A 188 11.32 -33.78 -35.58
CA ARG A 188 12.56 -34.28 -36.16
C ARG A 188 13.55 -34.74 -35.09
N HIS A 189 13.20 -34.55 -33.82
CA HIS A 189 14.11 -34.92 -32.76
C HIS A 189 13.44 -35.72 -31.65
N ASN A 190 14.25 -36.35 -30.81
CA ASN A 190 13.69 -37.16 -29.73
C ASN A 190 14.07 -36.68 -28.33
N SER A 191 15.35 -36.39 -28.12
CA SER A 191 15.82 -35.97 -26.81
C SER A 191 15.81 -34.46 -26.57
N TYR A 192 14.94 -34.01 -25.67
CA TYR A 192 14.83 -32.59 -25.33
C TYR A 192 15.31 -32.45 -23.91
N THR A 193 16.38 -31.69 -23.74
CA THR A 193 16.98 -31.55 -22.44
C THR A 193 17.16 -30.14 -21.91
N CYS A 194 16.78 -29.98 -20.65
CA CYS A 194 16.89 -28.71 -19.96
C CYS A 194 17.98 -28.87 -18.90
N GLU A 195 19.09 -28.13 -19.05
CA GLU A 195 20.20 -28.22 -18.11
C GLU A 195 20.40 -26.94 -17.30
N ALA A 196 20.31 -27.08 -15.98
CA ALA A 196 20.47 -25.94 -15.08
C ALA A 196 21.84 -25.97 -14.41
N THR A 197 22.64 -24.93 -14.66
CA THR A 197 23.97 -24.83 -14.06
C THR A 197 23.87 -23.91 -12.86
N HIS A 198 23.92 -24.49 -11.65
CA HIS A 198 23.83 -23.70 -10.43
C HIS A 198 24.93 -24.07 -9.45
N LYS A 199 25.43 -23.08 -8.71
CA LYS A 199 26.51 -23.30 -7.75
C LYS A 199 26.21 -24.37 -6.71
N THR A 200 24.94 -24.73 -6.55
CA THR A 200 24.57 -25.73 -5.56
C THR A 200 24.99 -27.13 -5.97
N SER A 201 25.78 -27.25 -7.04
CA SER A 201 26.23 -28.55 -7.50
C SER A 201 27.26 -28.44 -8.62
N THR A 202 28.29 -29.27 -8.53
CA THR A 202 29.32 -29.30 -9.56
C THR A 202 28.64 -29.58 -10.88
N SER A 203 27.91 -30.69 -10.91
CA SER A 203 27.17 -31.11 -12.10
C SER A 203 25.82 -30.40 -12.13
N PRO A 204 25.46 -29.82 -13.27
CA PRO A 204 24.18 -29.11 -13.41
C PRO A 204 22.96 -30.02 -13.30
N ILE A 205 21.83 -29.47 -12.87
CA ILE A 205 20.60 -30.24 -12.76
C ILE A 205 20.11 -30.39 -14.20
N VAL A 206 19.80 -31.61 -14.59
CA VAL A 206 19.36 -31.85 -15.95
C VAL A 206 18.06 -32.65 -15.99
N LYS A 207 17.07 -32.08 -16.68
CA LYS A 207 15.78 -32.74 -16.84
C LYS A 207 15.48 -32.79 -18.33
N SER A 208 15.09 -33.95 -18.81
CA SER A 208 14.79 -34.10 -20.22
C SER A 208 13.71 -35.13 -20.39
N PHE A 209 13.33 -35.34 -21.65
CA PHE A 209 12.31 -36.31 -21.97
C PHE A 209 12.50 -36.68 -23.43
N ASN A 210 11.96 -37.82 -23.81
CA ASN A 210 12.06 -38.28 -25.18
C ASN A 210 10.65 -38.24 -25.75
N ARG A 211 10.52 -37.66 -26.95
CA ARG A 211 9.23 -37.57 -27.59
C ARG A 211 8.70 -39.00 -27.76
N ASN A 212 8.00 -39.48 -26.73
CA ASN A 212 7.43 -40.84 -26.68
C ASN A 212 6.35 -40.93 -25.61
N GLU B 1 -6.01 8.61 3.60
CA GLU B 1 -7.24 8.86 2.82
C GLU B 1 -6.94 9.46 1.45
N VAL B 2 -5.71 9.90 1.23
CA VAL B 2 -5.36 10.45 -0.06
C VAL B 2 -4.97 9.34 -1.03
N GLN B 3 -5.45 9.42 -2.27
CA GLN B 3 -5.09 8.43 -3.25
C GLN B 3 -5.19 8.93 -4.68
N LEU B 4 -4.14 8.67 -5.42
CA LEU B 4 -4.05 9.06 -6.81
C LEU B 4 -4.32 7.84 -7.67
N GLU B 5 -5.25 8.00 -8.60
CA GLU B 5 -5.63 6.93 -9.52
C GLU B 5 -5.23 7.31 -10.93
N GLN B 6 -4.41 6.47 -11.56
CA GLN B 6 -3.98 6.77 -12.92
C GLN B 6 -4.79 5.92 -13.87
N SER B 7 -4.73 6.27 -15.15
CA SER B 7 -5.42 5.53 -16.20
C SER B 7 -4.65 4.25 -16.46
N GLY B 8 -5.26 3.31 -17.20
CA GLY B 8 -4.61 2.03 -17.42
C GLY B 8 -3.48 1.93 -18.45
N ALA B 9 -3.03 0.70 -18.66
CA ALA B 9 -1.98 0.38 -19.61
C ALA B 9 -2.36 0.93 -20.99
N GLU B 10 -1.39 1.50 -21.68
CA GLU B 10 -1.66 2.07 -22.99
C GLU B 10 -0.71 1.52 -24.03
N LEU B 11 -1.26 1.28 -25.21
CA LEU B 11 -0.51 0.81 -26.36
C LEU B 11 -0.76 1.84 -27.47
N MET B 12 0.31 2.41 -28.02
CA MET B 12 0.19 3.38 -29.09
C MET B 12 1.33 3.23 -30.08
N LYS B 13 1.11 3.66 -31.31
CA LYS B 13 2.12 3.54 -32.36
C LYS B 13 3.15 4.65 -32.28
N PRO B 14 4.37 4.39 -32.76
CA PRO B 14 5.35 5.46 -32.70
C PRO B 14 4.84 6.64 -33.55
N GLY B 15 5.12 7.86 -33.11
CA GLY B 15 4.65 9.02 -33.83
C GLY B 15 3.30 9.47 -33.31
N ALA B 16 2.59 8.56 -32.65
CA ALA B 16 1.28 8.88 -32.10
C ALA B 16 1.41 9.65 -30.77
N SER B 17 0.28 9.89 -30.14
CA SER B 17 0.24 10.59 -28.86
C SER B 17 -0.57 9.80 -27.86
N VAL B 18 -0.32 10.03 -26.58
CA VAL B 18 -1.05 9.35 -25.53
C VAL B 18 -1.25 10.33 -24.38
N LYS B 19 -2.40 10.22 -23.72
CA LYS B 19 -2.66 11.08 -22.59
C LYS B 19 -2.93 10.17 -21.39
N ILE B 20 -2.15 10.40 -20.34
CA ILE B 20 -2.26 9.62 -19.12
C ILE B 20 -2.93 10.48 -18.06
N SER B 21 -3.94 9.92 -17.40
CA SER B 21 -4.66 10.66 -16.38
C SER B 21 -4.18 10.32 -14.99
N CYS B 22 -4.44 11.25 -14.08
CA CYS B 22 -4.07 11.11 -12.67
C CYS B 22 -5.14 11.81 -11.86
N LYS B 23 -6.02 11.04 -11.21
CA LYS B 23 -7.08 11.65 -10.42
C LYS B 23 -6.73 11.59 -8.95
N ALA B 24 -6.81 12.74 -8.30
CA ALA B 24 -6.49 12.84 -6.89
C ALA B 24 -7.75 12.97 -6.04
N THR B 25 -7.81 12.20 -4.96
CA THR B 25 -8.93 12.28 -4.05
C THR B 25 -8.36 12.36 -2.64
N GLY B 26 -9.02 13.11 -1.76
CA GLY B 26 -8.56 13.17 -0.38
C GLY B 26 -7.95 14.48 0.09
N TYR B 27 -7.83 15.46 -0.80
CA TYR B 27 -7.27 16.75 -0.44
C TYR B 27 -7.68 17.80 -1.47
N THR B 28 -7.42 19.06 -1.16
CA THR B 28 -7.76 20.13 -2.09
C THR B 28 -6.84 20.10 -3.31
N PHE B 29 -7.32 19.43 -4.35
CA PHE B 29 -6.61 19.24 -5.61
C PHE B 29 -5.74 20.40 -6.07
N THR B 30 -6.32 21.60 -6.09
CA THR B 30 -5.61 22.78 -6.57
C THR B 30 -4.59 23.40 -5.62
N THR B 31 -4.28 22.75 -4.51
CA THR B 31 -3.31 23.32 -3.58
C THR B 31 -2.00 22.57 -3.55
N TYR B 32 -1.86 21.54 -4.37
CA TYR B 32 -0.64 20.75 -4.45
C TYR B 32 -0.25 20.48 -5.89
N TRP B 33 1.05 20.50 -6.15
CA TRP B 33 1.52 20.19 -7.49
C TRP B 33 1.36 18.69 -7.69
N ILE B 34 1.17 18.28 -8.95
CA ILE B 34 1.07 16.87 -9.28
C ILE B 34 2.36 16.59 -10.04
N GLU B 35 3.13 15.61 -9.57
CA GLU B 35 4.41 15.26 -10.18
C GLU B 35 4.28 14.09 -11.15
N TRP B 36 5.09 14.11 -12.19
CA TRP B 36 5.09 13.03 -13.16
C TRP B 36 6.47 12.43 -13.21
N ILE B 37 6.51 11.12 -13.07
CA ILE B 37 7.76 10.39 -13.02
C ILE B 37 7.77 9.20 -13.99
N LYS B 38 8.90 9.05 -14.68
CA LYS B 38 9.08 7.98 -15.66
C LYS B 38 10.05 6.93 -15.15
N GLN B 39 9.71 5.66 -15.35
CA GLN B 39 10.59 4.57 -14.95
C GLN B 39 10.58 3.48 -15.99
N ARG B 40 11.77 3.12 -16.48
CA ARG B 40 11.90 2.05 -17.48
C ARG B 40 12.27 0.74 -16.81
N PRO B 41 12.17 -0.38 -17.53
CA PRO B 41 12.49 -1.72 -17.01
C PRO B 41 13.76 -1.80 -16.18
N GLY B 42 13.59 -2.14 -14.91
CA GLY B 42 14.72 -2.26 -13.99
C GLY B 42 15.70 -1.10 -14.02
N HIS B 43 15.20 0.09 -14.30
CA HIS B 43 16.04 1.28 -14.34
C HIS B 43 15.62 2.26 -13.25
N SER B 44 16.27 3.42 -13.23
CA SER B 44 15.97 4.41 -12.21
C SER B 44 14.75 5.27 -12.55
N LEU B 45 14.42 6.16 -11.64
CA LEU B 45 13.28 7.04 -11.78
C LEU B 45 13.71 8.37 -12.38
N GLU B 46 12.93 8.86 -13.35
CA GLU B 46 13.25 10.13 -13.97
C GLU B 46 12.10 11.08 -13.78
N TRP B 47 12.38 12.22 -13.15
CA TRP B 47 11.36 13.23 -12.91
C TRP B 47 11.07 13.93 -14.24
N ILE B 48 9.85 13.80 -14.73
CA ILE B 48 9.44 14.41 -15.99
C ILE B 48 9.02 15.86 -15.81
N GLY B 49 8.49 16.18 -14.64
CA GLY B 49 8.06 17.55 -14.39
C GLY B 49 6.87 17.60 -13.47
N GLU B 50 6.21 18.75 -13.43
CA GLU B 50 5.06 18.91 -12.55
C GLU B 50 4.13 20.00 -13.04
N ILE B 51 2.91 19.98 -12.52
CA ILE B 51 1.91 20.97 -12.88
C ILE B 51 1.12 21.30 -11.62
N LEU B 52 0.73 22.57 -11.46
CA LEU B 52 -0.07 22.97 -10.32
C LEU B 52 -1.53 23.07 -10.75
N PRO B 53 -2.33 22.03 -10.45
CA PRO B 53 -3.74 22.05 -10.82
C PRO B 53 -4.41 23.38 -10.52
N GLY B 54 -5.17 23.89 -11.49
CA GLY B 54 -5.88 25.15 -11.30
C GLY B 54 -5.07 26.40 -11.61
N SER B 55 -3.79 26.22 -11.95
CA SER B 55 -2.93 27.36 -12.26
C SER B 55 -2.22 27.20 -13.59
N ASP B 56 -2.28 26.00 -14.17
CA ASP B 56 -1.62 25.76 -15.43
C ASP B 56 -0.12 26.06 -15.36
N SER B 57 0.41 26.17 -14.13
CA SER B 57 1.84 26.41 -13.95
C SER B 57 2.51 25.05 -14.11
N THR B 58 3.62 25.01 -14.85
CA THR B 58 4.29 23.74 -15.10
C THR B 58 5.80 23.85 -15.17
N TYR B 59 6.46 22.71 -15.01
CA TYR B 59 7.91 22.64 -15.13
C TYR B 59 8.16 21.37 -15.92
N TYR B 60 8.84 21.50 -17.06
CA TYR B 60 9.11 20.34 -17.92
C TYR B 60 10.55 19.90 -17.85
N ASN B 61 10.75 18.60 -17.65
CA ASN B 61 12.09 18.05 -17.55
C ASN B 61 12.30 16.79 -18.41
N GLU B 62 11.43 16.60 -19.41
CA GLU B 62 11.54 15.44 -20.28
C GLU B 62 12.75 15.57 -21.21
N LYS B 63 13.27 14.44 -21.66
CA LYS B 63 14.44 14.40 -22.53
C LYS B 63 14.28 15.25 -23.79
N VAL B 64 13.37 14.84 -24.67
CA VAL B 64 13.16 15.59 -25.89
C VAL B 64 12.07 16.62 -25.62
N LYS B 65 12.44 17.88 -25.75
CA LYS B 65 11.53 18.97 -25.48
C LYS B 65 10.32 19.04 -26.40
N GLY B 66 9.22 19.50 -25.82
CA GLY B 66 7.98 19.66 -26.56
C GLY B 66 7.10 18.41 -26.67
N LYS B 67 7.60 17.27 -26.23
CA LYS B 67 6.80 16.07 -26.34
C LYS B 67 5.86 15.87 -25.16
N VAL B 68 6.13 16.57 -24.06
CA VAL B 68 5.26 16.43 -22.89
C VAL B 68 4.51 17.70 -22.54
N THR B 69 3.20 17.58 -22.36
CA THR B 69 2.36 18.70 -21.96
C THR B 69 1.48 18.25 -20.79
N PHE B 70 1.47 19.03 -19.72
CA PHE B 70 0.65 18.70 -18.56
C PHE B 70 -0.57 19.60 -18.53
N THR B 71 -1.70 19.03 -18.17
CA THR B 71 -2.93 19.79 -18.04
C THR B 71 -3.60 19.29 -16.79
N ALA B 72 -4.67 19.97 -16.39
CA ALA B 72 -5.40 19.56 -15.20
C ALA B 72 -6.81 20.10 -15.27
N ASP B 73 -7.74 19.32 -14.74
CA ASP B 73 -9.13 19.73 -14.71
C ASP B 73 -9.52 19.78 -13.23
N ALA B 74 -9.50 20.97 -12.67
CA ALA B 74 -9.84 21.16 -11.26
C ALA B 74 -11.27 20.71 -11.03
N SER B 75 -12.06 20.70 -12.10
CA SER B 75 -13.45 20.28 -12.01
C SER B 75 -13.58 18.77 -11.76
N SER B 76 -12.60 18.01 -12.23
CA SER B 76 -12.65 16.56 -12.06
C SER B 76 -11.49 16.04 -11.22
N ASN B 77 -10.76 16.94 -10.60
CA ASN B 77 -9.62 16.56 -9.76
C ASN B 77 -8.67 15.65 -10.50
N THR B 78 -8.49 15.90 -11.80
CA THR B 78 -7.63 15.04 -12.59
C THR B 78 -6.56 15.83 -13.33
N ALA B 79 -5.31 15.35 -13.25
CA ALA B 79 -4.21 15.98 -13.97
C ALA B 79 -3.88 15.03 -15.10
N TYR B 80 -3.35 15.56 -16.20
CA TYR B 80 -3.02 14.73 -17.34
C TYR B 80 -1.62 14.97 -17.86
N MET B 81 -1.04 13.92 -18.42
CA MET B 81 0.25 14.03 -19.04
C MET B 81 0.06 13.49 -20.42
N GLN B 82 0.26 14.35 -21.40
CA GLN B 82 0.13 13.94 -22.79
C GLN B 82 1.50 13.84 -23.43
N LEU B 83 1.81 12.67 -23.98
CA LEU B 83 3.09 12.45 -24.66
C LEU B 83 2.83 12.35 -26.15
N SER B 84 3.48 13.20 -26.93
CA SER B 84 3.31 13.19 -28.37
C SER B 84 4.60 12.81 -29.08
N SER B 85 4.52 12.55 -30.38
CA SER B 85 5.70 12.16 -31.15
C SER B 85 6.34 10.94 -30.48
N LEU B 86 5.51 10.02 -30.05
CA LEU B 86 6.00 8.83 -29.35
C LEU B 86 7.01 8.00 -30.14
N THR B 87 7.99 7.46 -29.41
CA THR B 87 9.02 6.59 -29.96
C THR B 87 9.19 5.48 -28.92
N SER B 88 10.05 4.51 -29.21
CA SER B 88 10.30 3.41 -28.28
C SER B 88 10.88 3.91 -26.96
N GLU B 89 11.60 5.03 -26.99
CA GLU B 89 12.17 5.62 -25.78
C GLU B 89 11.09 6.05 -24.78
N ASP B 90 9.85 6.14 -25.25
CA ASP B 90 8.76 6.53 -24.37
C ASP B 90 8.08 5.34 -23.69
N SER B 91 8.39 4.13 -24.13
CA SER B 91 7.80 2.94 -23.51
C SER B 91 8.36 2.85 -22.09
N ALA B 92 7.47 2.89 -21.10
CA ALA B 92 7.90 2.82 -19.72
C ALA B 92 6.69 2.92 -18.84
N VAL B 93 6.94 2.86 -17.54
CA VAL B 93 5.87 3.00 -16.56
C VAL B 93 5.92 4.46 -16.14
N TYR B 94 4.77 5.12 -16.17
CA TYR B 94 4.73 6.51 -15.76
C TYR B 94 3.93 6.59 -14.49
N TYR B 95 4.46 7.36 -13.54
CA TYR B 95 3.82 7.57 -12.27
C TYR B 95 3.45 9.01 -12.08
N CYS B 96 2.43 9.19 -11.27
CA CYS B 96 1.91 10.46 -10.89
C CYS B 96 2.18 10.46 -9.39
N ALA B 97 2.49 11.60 -8.80
CA ALA B 97 2.71 11.67 -7.35
C ALA B 97 2.39 13.07 -6.89
N ARG B 98 1.83 13.20 -5.69
CA ARG B 98 1.52 14.53 -5.19
C ARG B 98 2.86 15.18 -4.81
N GLY B 99 2.95 16.49 -5.03
CA GLY B 99 4.17 17.20 -4.71
C GLY B 99 4.29 17.65 -3.28
N ASP B 100 4.95 16.85 -2.46
CA ASP B 100 5.15 17.19 -1.05
C ASP B 100 6.64 17.29 -0.77
N GLY B 101 7.42 17.74 -1.76
CA GLY B 101 8.86 17.83 -1.60
C GLY B 101 9.32 16.41 -1.80
N PHE B 102 8.92 15.56 -0.85
CA PHE B 102 9.19 14.14 -0.97
C PHE B 102 7.89 13.71 -1.66
N TYR B 103 7.81 12.47 -2.10
CA TYR B 103 6.61 11.98 -2.77
C TYR B 103 6.02 10.87 -1.91
N VAL B 104 4.97 11.18 -1.17
CA VAL B 104 4.37 10.18 -0.30
C VAL B 104 3.17 9.50 -0.96
N TYR B 105 2.42 10.26 -1.75
CA TYR B 105 1.26 9.70 -2.44
C TYR B 105 1.57 9.51 -3.92
N TRP B 106 1.56 8.26 -4.36
CA TRP B 106 1.85 7.95 -5.75
C TRP B 106 0.68 7.29 -6.45
N GLY B 107 0.63 7.44 -7.77
CA GLY B 107 -0.40 6.77 -8.53
C GLY B 107 0.05 5.32 -8.58
N GLN B 108 -0.73 4.41 -9.16
CA GLN B 108 -0.33 3.01 -9.21
C GLN B 108 0.60 2.73 -10.38
N GLY B 109 0.74 3.70 -11.28
CA GLY B 109 1.57 3.52 -12.44
C GLY B 109 0.73 3.18 -13.66
N THR B 110 1.17 3.68 -14.81
CA THR B 110 0.49 3.44 -16.08
C THR B 110 1.60 3.03 -17.03
N THR B 111 1.50 1.84 -17.58
CA THR B 111 2.52 1.34 -18.48
C THR B 111 2.20 1.67 -19.94
N LEU B 112 3.14 2.37 -20.57
CA LEU B 112 2.98 2.76 -21.96
C LEU B 112 3.89 1.92 -22.83
N THR B 113 3.28 1.30 -23.84
CA THR B 113 4.01 0.48 -24.79
C THR B 113 3.90 1.17 -26.14
N VAL B 114 5.02 1.67 -26.66
CA VAL B 114 5.01 2.32 -27.97
C VAL B 114 5.45 1.24 -28.95
N SER B 115 4.56 0.90 -29.88
CA SER B 115 4.84 -0.13 -30.86
C SER B 115 3.80 -0.18 -31.97
N SER B 116 4.21 -0.61 -33.15
CA SER B 116 3.29 -0.73 -34.27
C SER B 116 2.74 -2.16 -34.28
N ALA B 117 3.24 -3.00 -33.37
CA ALA B 117 2.78 -4.37 -33.28
C ALA B 117 1.29 -4.36 -33.01
N SER B 118 0.57 -5.31 -33.61
CA SER B 118 -0.87 -5.38 -33.44
C SER B 118 -1.29 -6.20 -32.24
N THR B 119 -2.41 -5.82 -31.64
CA THR B 119 -2.91 -6.54 -30.50
C THR B 119 -3.28 -7.93 -30.99
N THR B 120 -2.88 -8.93 -30.22
CA THR B 120 -3.12 -10.31 -30.57
C THR B 120 -3.48 -11.07 -29.30
N PRO B 121 -4.53 -11.90 -29.38
CA PRO B 121 -4.94 -12.68 -28.20
C PRO B 121 -3.88 -13.72 -27.89
N PRO B 122 -3.81 -14.18 -26.64
CA PRO B 122 -2.82 -15.18 -26.29
C PRO B 122 -3.34 -16.58 -26.52
N SER B 123 -2.43 -17.52 -26.78
CA SER B 123 -2.82 -18.92 -26.94
C SER B 123 -2.41 -19.49 -25.59
N VAL B 124 -3.32 -20.22 -24.95
CA VAL B 124 -3.02 -20.79 -23.64
C VAL B 124 -2.91 -22.30 -23.66
N TYR B 125 -1.73 -22.81 -23.32
CA TYR B 125 -1.47 -24.25 -23.34
C TYR B 125 -1.22 -24.83 -21.95
N PRO B 126 -1.84 -25.98 -21.65
CA PRO B 126 -1.66 -26.63 -20.35
C PRO B 126 -0.30 -27.31 -20.29
N LEU B 127 0.38 -27.17 -19.17
CA LEU B 127 1.68 -27.79 -19.00
C LEU B 127 1.53 -28.90 -17.99
N ALA B 128 1.27 -30.11 -18.50
CA ALA B 128 1.07 -31.29 -17.67
C ALA B 128 2.37 -32.08 -17.52
N PRO B 129 2.63 -32.60 -16.32
CA PRO B 129 3.86 -33.38 -16.08
C PRO B 129 3.89 -34.66 -16.90
N GLY B 130 4.97 -35.42 -16.77
CA GLY B 130 5.12 -36.66 -17.54
C GLY B 130 4.00 -37.68 -17.41
N GLN B 134 3.97 -38.55 -5.16
CA GLN B 134 4.80 -37.31 -5.25
C GLN B 134 5.97 -37.44 -6.22
N THR B 135 5.99 -36.59 -7.24
CA THR B 135 7.06 -36.59 -8.25
C THR B 135 8.31 -35.97 -7.62
N ASN B 136 8.07 -35.08 -6.67
CA ASN B 136 9.11 -34.39 -5.92
C ASN B 136 8.40 -33.80 -4.70
N SER B 137 7.75 -34.69 -3.94
CA SER B 137 6.99 -34.31 -2.75
C SER B 137 5.67 -33.70 -3.21
N MET B 138 5.78 -32.83 -4.19
CA MET B 138 4.65 -32.14 -4.76
C MET B 138 4.81 -32.34 -6.25
N VAL B 139 3.85 -31.85 -7.02
CA VAL B 139 3.92 -31.96 -8.47
C VAL B 139 3.74 -30.56 -9.05
N THR B 140 4.58 -30.21 -10.01
CA THR B 140 4.49 -28.90 -10.63
C THR B 140 3.76 -28.94 -11.96
N LEU B 141 2.76 -28.08 -12.09
CA LEU B 141 1.97 -27.96 -13.32
C LEU B 141 2.24 -26.57 -13.88
N GLY B 142 1.71 -26.27 -15.05
CA GLY B 142 1.94 -24.96 -15.60
C GLY B 142 1.04 -24.60 -16.77
N CYS B 143 1.14 -23.35 -17.21
CA CYS B 143 0.37 -22.88 -18.33
C CYS B 143 1.24 -21.97 -19.16
N LEU B 144 1.29 -22.25 -20.45
CA LEU B 144 2.06 -21.47 -21.38
C LEU B 144 1.14 -20.46 -22.07
N VAL B 145 1.46 -19.18 -21.92
CA VAL B 145 0.66 -18.13 -22.52
C VAL B 145 1.52 -17.43 -23.56
N LYS B 146 1.40 -17.84 -24.82
CA LYS B 146 2.22 -17.22 -25.85
C LYS B 146 1.47 -16.58 -27.01
N GLY B 147 2.20 -15.76 -27.76
CA GLY B 147 1.64 -15.11 -28.92
C GLY B 147 0.66 -14.00 -28.65
N TYR B 148 0.80 -13.30 -27.54
CA TYR B 148 -0.12 -12.20 -27.27
C TYR B 148 0.58 -10.85 -27.32
N PHE B 149 -0.24 -9.81 -27.44
CA PHE B 149 0.27 -8.45 -27.48
C PHE B 149 -0.94 -7.54 -27.35
N PRO B 150 -0.82 -6.46 -26.57
CA PRO B 150 0.39 -6.10 -25.84
C PRO B 150 0.28 -6.61 -24.40
N GLU B 151 1.19 -6.18 -23.54
CA GLU B 151 1.12 -6.54 -22.13
C GLU B 151 -0.08 -5.73 -21.66
N PRO B 152 -0.71 -6.12 -20.55
CA PRO B 152 -0.35 -7.30 -19.77
C PRO B 152 -1.39 -8.41 -19.87
N VAL B 153 -1.10 -9.47 -19.15
CA VAL B 153 -1.97 -10.63 -19.05
C VAL B 153 -1.90 -10.94 -17.56
N THR B 154 -3.01 -11.41 -17.01
CA THR B 154 -3.03 -11.77 -15.60
C THR B 154 -3.35 -13.26 -15.55
N VAL B 155 -2.58 -13.99 -14.78
CA VAL B 155 -2.78 -15.42 -14.64
C VAL B 155 -3.15 -15.78 -13.22
N THR B 156 -4.13 -16.65 -13.10
CA THR B 156 -4.55 -17.13 -11.79
C THR B 156 -4.77 -18.62 -11.93
N TRP B 157 -4.83 -19.30 -10.80
CA TRP B 157 -5.05 -20.74 -10.79
C TRP B 157 -6.28 -21.00 -9.94
N ASN B 158 -7.19 -21.82 -10.46
CA ASN B 158 -8.43 -22.14 -9.76
C ASN B 158 -9.08 -20.86 -9.26
N SER B 159 -9.20 -19.92 -10.18
CA SER B 159 -9.83 -18.63 -9.92
C SER B 159 -9.25 -17.92 -8.71
N GLY B 160 -7.94 -18.05 -8.51
CA GLY B 160 -7.29 -17.40 -7.40
C GLY B 160 -7.22 -18.22 -6.12
N SER B 161 -7.89 -19.38 -6.12
CA SER B 161 -7.92 -20.26 -4.94
C SER B 161 -6.56 -20.88 -4.68
N LEU B 162 -5.70 -20.88 -5.69
CA LEU B 162 -4.37 -21.43 -5.55
C LEU B 162 -3.33 -20.35 -5.79
N SER B 163 -2.64 -19.93 -4.73
CA SER B 163 -1.64 -18.90 -4.86
C SER B 163 -0.27 -19.37 -4.37
N SER B 164 -0.28 -20.22 -3.35
CA SER B 164 0.98 -20.74 -2.82
C SER B 164 1.59 -21.65 -3.88
N GLY B 165 2.91 -21.62 -4.00
CA GLY B 165 3.55 -22.48 -4.99
C GLY B 165 3.34 -22.03 -6.42
N VAL B 166 2.82 -20.81 -6.59
CA VAL B 166 2.59 -20.29 -7.93
C VAL B 166 3.74 -19.36 -8.33
N HIS B 167 4.20 -19.52 -9.56
CA HIS B 167 5.26 -18.69 -10.10
C HIS B 167 4.80 -18.26 -11.48
N THR B 168 4.48 -16.97 -11.62
CA THR B 168 4.08 -16.43 -12.90
C THR B 168 5.26 -15.57 -13.33
N PHE B 169 5.95 -16.03 -14.37
CA PHE B 169 7.14 -15.34 -14.86
C PHE B 169 6.86 -14.13 -15.73
N PRO B 170 7.76 -13.13 -15.66
CA PRO B 170 7.62 -11.90 -16.45
C PRO B 170 7.56 -12.33 -17.90
N ALA B 171 6.72 -11.68 -18.70
CA ALA B 171 6.62 -12.05 -20.10
C ALA B 171 7.91 -11.66 -20.83
N VAL B 172 8.14 -12.33 -21.95
CA VAL B 172 9.31 -12.06 -22.77
C VAL B 172 8.79 -11.72 -24.16
N LEU B 173 9.27 -10.62 -24.70
CA LEU B 173 8.87 -10.17 -26.03
C LEU B 173 9.72 -10.89 -27.07
N GLN B 174 9.09 -11.25 -28.18
CA GLN B 174 9.79 -11.93 -29.25
C GLN B 174 9.05 -11.79 -30.56
N SER B 175 9.61 -11.00 -31.46
CA SER B 175 9.00 -10.80 -32.76
C SER B 175 7.60 -10.21 -32.64
N ASP B 176 7.48 -9.19 -31.80
CA ASP B 176 6.22 -8.48 -31.57
C ASP B 176 5.16 -9.33 -30.86
N LEU B 177 5.59 -10.42 -30.25
CA LEU B 177 4.67 -11.27 -29.51
C LEU B 177 5.24 -11.66 -28.17
N TYR B 178 4.43 -11.49 -27.13
CA TYR B 178 4.85 -11.83 -25.78
C TYR B 178 4.54 -13.27 -25.46
N THR B 179 5.45 -13.90 -24.71
CA THR B 179 5.24 -15.26 -24.27
C THR B 179 5.46 -15.23 -22.78
N LEU B 180 4.57 -15.90 -22.06
CA LEU B 180 4.64 -15.95 -20.62
C LEU B 180 4.24 -17.34 -20.17
N SER B 181 4.65 -17.72 -18.98
CA SER B 181 4.29 -19.03 -18.45
C SER B 181 4.13 -18.88 -16.95
N SER B 182 3.37 -19.78 -16.36
CA SER B 182 3.14 -19.76 -14.94
C SER B 182 3.20 -21.21 -14.46
N SER B 183 3.86 -21.43 -13.33
CA SER B 183 3.95 -22.77 -12.77
C SER B 183 3.22 -22.75 -11.45
N VAL B 184 2.68 -23.90 -11.08
CA VAL B 184 1.97 -24.04 -9.83
C VAL B 184 2.39 -25.38 -9.25
N THR B 185 2.97 -25.34 -8.05
CA THR B 185 3.42 -26.56 -7.40
C THR B 185 2.42 -26.93 -6.31
N VAL B 186 1.74 -28.07 -6.49
CA VAL B 186 0.76 -28.53 -5.52
C VAL B 186 1.13 -29.91 -4.95
N PRO B 187 0.63 -30.23 -3.75
CA PRO B 187 0.96 -31.54 -3.19
C PRO B 187 0.48 -32.60 -4.18
N SER B 188 1.13 -33.76 -4.20
CA SER B 188 0.74 -34.81 -5.13
C SER B 188 -0.65 -35.37 -4.85
N SER B 189 -1.11 -35.21 -3.61
CA SER B 189 -2.44 -35.70 -3.27
C SER B 189 -3.55 -34.85 -3.93
N PRO B 190 -3.33 -33.51 -4.05
CA PRO B 190 -4.29 -32.59 -4.66
C PRO B 190 -4.57 -32.79 -6.14
N TRP B 191 -3.55 -33.10 -6.92
CA TRP B 191 -3.71 -33.30 -8.36
C TRP B 191 -3.04 -34.61 -8.76
N PRO B 192 -3.63 -35.34 -9.72
CA PRO B 192 -4.87 -35.12 -10.48
C PRO B 192 -6.18 -35.30 -9.69
N SER B 193 -6.05 -35.65 -8.41
CA SER B 193 -7.22 -35.85 -7.56
C SER B 193 -8.20 -34.70 -7.72
N GLU B 194 -7.72 -33.50 -7.44
CA GLU B 194 -8.52 -32.28 -7.54
C GLU B 194 -8.14 -31.52 -8.80
N THR B 195 -9.11 -30.82 -9.37
CA THR B 195 -8.89 -30.05 -10.57
C THR B 195 -7.98 -28.84 -10.34
N VAL B 196 -7.08 -28.62 -11.30
CA VAL B 196 -6.17 -27.48 -11.24
C VAL B 196 -6.39 -26.82 -12.60
N THR B 197 -6.80 -25.56 -12.58
CA THR B 197 -7.07 -24.82 -13.81
C THR B 197 -6.41 -23.45 -13.79
N CYS B 198 -5.80 -23.07 -14.90
CA CYS B 198 -5.20 -21.76 -14.93
C CYS B 198 -6.16 -20.86 -15.67
N ASN B 199 -6.29 -19.62 -15.20
CA ASN B 199 -7.18 -18.67 -15.83
C ASN B 199 -6.32 -17.55 -16.35
N VAL B 200 -6.42 -17.30 -17.65
CA VAL B 200 -5.65 -16.26 -18.28
C VAL B 200 -6.58 -15.18 -18.82
N ALA B 201 -6.25 -13.93 -18.52
CA ALA B 201 -7.04 -12.81 -18.98
C ALA B 201 -6.10 -11.86 -19.69
N HIS B 202 -6.55 -11.34 -20.82
CA HIS B 202 -5.79 -10.39 -21.61
C HIS B 202 -6.83 -9.36 -22.03
N PRO B 203 -7.02 -8.32 -21.19
CA PRO B 203 -8.01 -7.29 -21.50
C PRO B 203 -7.85 -6.64 -22.87
N ALA B 204 -6.62 -6.36 -23.28
CA ALA B 204 -6.38 -5.73 -24.58
C ALA B 204 -7.12 -6.44 -25.70
N SER B 205 -7.34 -7.74 -25.58
CA SER B 205 -8.02 -8.47 -26.63
C SER B 205 -9.32 -9.11 -26.15
N SER B 206 -9.87 -8.61 -25.06
CA SER B 206 -11.10 -9.17 -24.51
C SER B 206 -11.00 -10.69 -24.52
N THR B 207 -9.92 -11.20 -23.93
CA THR B 207 -9.69 -12.63 -23.88
C THR B 207 -9.60 -13.14 -22.45
N LYS B 208 -10.41 -14.17 -22.18
CA LYS B 208 -10.47 -14.83 -20.88
C LYS B 208 -10.43 -16.29 -21.22
N VAL B 209 -9.39 -16.99 -20.78
CA VAL B 209 -9.25 -18.40 -21.05
C VAL B 209 -9.03 -19.19 -19.78
N ASP B 210 -9.67 -20.35 -19.71
CA ASP B 210 -9.55 -21.26 -18.58
C ASP B 210 -9.05 -22.57 -19.15
N LYS B 211 -7.80 -22.93 -18.84
CA LYS B 211 -7.25 -24.17 -19.35
C LYS B 211 -6.98 -25.14 -18.20
N LYS B 212 -7.79 -26.18 -18.14
CA LYS B 212 -7.65 -27.20 -17.10
C LYS B 212 -6.38 -28.00 -17.38
N ILE B 213 -5.65 -28.34 -16.32
CA ILE B 213 -4.44 -29.13 -16.48
C ILE B 213 -4.78 -30.61 -16.30
N VAL B 214 -4.99 -31.30 -17.41
CA VAL B 214 -5.33 -32.73 -17.34
C VAL B 214 -4.09 -33.60 -17.54
N PRO B 215 -4.02 -34.72 -16.82
CA PRO B 215 -2.87 -35.62 -16.94
C PRO B 215 -2.71 -36.07 -18.40
N ARG B 216 -1.47 -36.15 -18.87
CA ARG B 216 -1.22 -36.57 -20.24
C ARG B 216 -1.49 -38.06 -20.44
N ASP C 1 -27.40 -16.08 8.13
CA ASP C 1 -26.05 -15.67 7.67
C ASP C 1 -24.98 -16.38 8.50
N ILE C 2 -23.78 -16.47 7.96
CA ILE C 2 -22.71 -17.12 8.68
C ILE C 2 -22.03 -16.13 9.63
N GLU C 3 -21.97 -16.49 10.90
CA GLU C 3 -21.34 -15.63 11.87
C GLU C 3 -19.92 -16.12 12.06
N LEU C 4 -18.97 -15.21 11.92
CA LEU C 4 -17.56 -15.55 12.12
C LEU C 4 -17.18 -14.99 13.48
N THR C 5 -16.88 -15.87 14.43
CA THR C 5 -16.50 -15.40 15.75
C THR C 5 -14.98 -15.46 15.88
N GLN C 6 -14.39 -14.30 16.14
CA GLN C 6 -12.94 -14.25 16.31
C GLN C 6 -12.54 -14.15 17.76
N SER C 7 -11.46 -14.82 18.12
CA SER C 7 -10.98 -14.77 19.48
C SER C 7 -9.46 -14.83 19.48
N PRO C 8 -8.82 -14.09 20.40
CA PRO C 8 -9.48 -13.21 21.37
C PRO C 8 -9.83 -11.87 20.74
N ALA C 9 -10.64 -11.07 21.44
CA ALA C 9 -11.00 -9.76 20.91
C ALA C 9 -9.75 -8.88 20.90
N THR C 10 -8.95 -8.98 21.95
CA THR C 10 -7.74 -8.18 22.04
C THR C 10 -6.59 -9.07 22.48
N LEU C 11 -5.37 -8.68 22.13
CA LEU C 11 -4.20 -9.47 22.49
C LEU C 11 -2.99 -8.56 22.44
N SER C 12 -2.19 -8.57 23.50
CA SER C 12 -0.98 -7.77 23.58
C SER C 12 0.17 -8.76 23.57
N VAL C 13 1.09 -8.59 22.64
CA VAL C 13 2.21 -9.51 22.51
C VAL C 13 3.55 -8.82 22.45
N THR C 14 4.58 -9.58 22.81
CA THR C 14 5.94 -9.07 22.78
C THR C 14 6.59 -9.53 21.49
N PRO C 15 7.32 -8.63 20.81
CA PRO C 15 7.97 -9.03 19.56
C PRO C 15 8.72 -10.35 19.78
N GLY C 16 8.56 -11.28 18.85
CA GLY C 16 9.22 -12.58 18.99
C GLY C 16 8.25 -13.65 19.44
N ASP C 17 7.12 -13.24 20.02
CA ASP C 17 6.12 -14.19 20.48
C ASP C 17 5.48 -14.92 19.30
N SER C 18 5.03 -16.14 19.56
CA SER C 18 4.35 -16.92 18.56
C SER C 18 2.90 -16.51 18.83
N VAL C 19 2.17 -16.14 17.78
CA VAL C 19 0.80 -15.70 17.95
C VAL C 19 -0.17 -16.57 17.18
N SER C 20 -1.34 -16.79 17.75
CA SER C 20 -2.36 -17.59 17.08
C SER C 20 -3.70 -16.93 17.28
N LEU C 21 -4.30 -16.50 16.17
CA LEU C 21 -5.60 -15.84 16.20
C LEU C 21 -6.67 -16.76 15.69
N SER C 22 -7.79 -16.82 16.40
CA SER C 22 -8.88 -17.71 16.05
C SER C 22 -10.09 -17.05 15.39
N CYS C 23 -10.73 -17.80 14.50
CA CYS C 23 -11.93 -17.35 13.79
C CYS C 23 -12.77 -18.60 13.59
N ARG C 24 -13.97 -18.60 14.16
CA ARG C 24 -14.86 -19.74 14.04
C ARG C 24 -16.11 -19.37 13.26
N ALA C 25 -16.47 -20.21 12.29
CA ALA C 25 -17.65 -19.98 11.47
C ALA C 25 -18.83 -20.69 12.11
N SER C 26 -19.99 -20.05 12.09
CA SER C 26 -21.19 -20.64 12.67
C SER C 26 -21.58 -21.90 11.93
N GLN C 27 -21.33 -21.89 10.62
CA GLN C 27 -21.60 -23.03 9.76
C GLN C 27 -20.46 -23.19 8.77
N SER C 28 -20.46 -24.31 8.07
CA SER C 28 -19.44 -24.62 7.09
C SER C 28 -19.34 -23.58 5.98
N ILE C 29 -18.10 -23.19 5.68
CA ILE C 29 -17.82 -22.24 4.62
C ILE C 29 -16.67 -22.86 3.83
N SER C 30 -16.58 -24.19 3.91
CA SER C 30 -15.52 -24.93 3.24
C SER C 30 -14.20 -24.28 3.66
N ASN C 31 -13.35 -23.94 2.70
CA ASN C 31 -12.08 -23.31 3.04
C ASN C 31 -12.10 -21.85 2.60
N ASN C 32 -13.30 -21.35 2.31
CA ASN C 32 -13.50 -19.97 1.85
C ASN C 32 -13.39 -18.96 3.00
N LEU C 33 -12.22 -18.93 3.62
CA LEU C 33 -11.97 -18.03 4.75
C LEU C 33 -10.70 -17.25 4.45
N HIS C 34 -10.79 -15.94 4.58
CA HIS C 34 -9.64 -15.09 4.28
C HIS C 34 -9.26 -14.19 5.45
N TRP C 35 -7.97 -13.89 5.56
CA TRP C 35 -7.50 -13.06 6.64
C TRP C 35 -6.94 -11.72 6.19
N TYR C 36 -7.22 -10.69 6.99
CA TYR C 36 -6.75 -9.34 6.70
C TYR C 36 -6.09 -8.71 7.92
N GLN C 37 -5.27 -7.70 7.65
CA GLN C 37 -4.63 -6.94 8.70
C GLN C 37 -5.03 -5.53 8.36
N GLN C 38 -5.57 -4.80 9.33
CA GLN C 38 -5.96 -3.44 9.03
C GLN C 38 -5.34 -2.49 10.02
N LYS C 39 -4.64 -1.51 9.48
CA LYS C 39 -3.98 -0.47 10.26
C LYS C 39 -4.99 0.66 10.33
N SER C 40 -4.82 1.56 11.29
CA SER C 40 -5.75 2.67 11.45
C SER C 40 -5.83 3.53 10.20
N HIS C 41 -7.05 3.89 9.82
CA HIS C 41 -7.30 4.74 8.65
C HIS C 41 -6.83 4.17 7.32
N GLU C 42 -6.71 2.85 7.24
CA GLU C 42 -6.29 2.20 6.00
C GLU C 42 -7.29 1.12 5.65
N SER C 43 -7.32 0.73 4.38
CA SER C 43 -8.22 -0.34 3.98
C SER C 43 -7.58 -1.61 4.49
N PRO C 44 -8.39 -2.65 4.75
CA PRO C 44 -7.78 -3.89 5.22
C PRO C 44 -6.83 -4.43 4.17
N ARG C 45 -5.77 -5.11 4.61
CA ARG C 45 -4.80 -5.69 3.70
C ARG C 45 -4.88 -7.22 3.80
N LEU C 46 -5.10 -7.85 2.66
CA LEU C 46 -5.23 -9.30 2.60
C LEU C 46 -3.91 -9.99 2.97
N LEU C 47 -3.98 -10.93 3.88
CA LEU C 47 -2.78 -11.64 4.32
C LEU C 47 -2.77 -13.08 3.85
N ILE C 48 -3.92 -13.73 4.01
CA ILE C 48 -4.07 -15.13 3.67
C ILE C 48 -5.34 -15.36 2.86
N LYS C 49 -5.26 -16.23 1.87
CA LYS C 49 -6.41 -16.55 1.03
C LYS C 49 -6.84 -17.99 1.23
N TYR C 50 -8.13 -18.24 1.10
CA TYR C 50 -8.66 -19.59 1.23
C TYR C 50 -7.97 -20.43 2.29
N THR C 51 -8.12 -20.00 3.54
CA THR C 51 -7.57 -20.68 4.69
C THR C 51 -6.05 -20.67 4.87
N SER C 52 -5.32 -21.11 3.86
CA SER C 52 -3.87 -21.18 3.99
C SER C 52 -3.05 -20.68 2.80
N GLN C 53 -3.72 -20.21 1.76
CA GLN C 53 -2.98 -19.75 0.60
C GLN C 53 -2.33 -18.41 0.89
N SER C 54 -1.08 -18.28 0.46
CA SER C 54 -0.31 -17.07 0.70
C SER C 54 -0.67 -15.95 -0.26
N MET C 55 -0.38 -14.73 0.16
CA MET C 55 -0.61 -13.53 -0.64
C MET C 55 0.78 -12.96 -0.92
N SER C 56 1.07 -12.72 -2.20
CA SER C 56 2.36 -12.18 -2.59
C SER C 56 2.69 -10.94 -1.75
N GLY C 57 3.96 -10.77 -1.41
CA GLY C 57 4.37 -9.62 -0.64
C GLY C 57 4.13 -9.70 0.85
N ILE C 58 3.42 -10.74 1.28
CA ILE C 58 3.16 -10.91 2.70
C ILE C 58 4.26 -11.74 3.35
N PRO C 59 4.87 -11.22 4.44
CA PRO C 59 5.95 -11.89 5.18
C PRO C 59 5.59 -13.34 5.49
N SER C 60 6.58 -14.23 5.43
CA SER C 60 6.35 -15.64 5.71
C SER C 60 5.88 -15.90 7.13
N ARG C 61 6.11 -14.96 8.04
CA ARG C 61 5.71 -15.15 9.42
C ARG C 61 4.21 -15.37 9.53
N PHE C 62 3.48 -14.90 8.51
CA PHE C 62 2.03 -15.07 8.49
C PHE C 62 1.64 -16.34 7.76
N SER C 63 0.85 -17.17 8.42
CA SER C 63 0.37 -18.38 7.78
C SER C 63 -1.00 -18.66 8.37
N GLY C 64 -1.82 -19.37 7.61
CA GLY C 64 -3.15 -19.68 8.12
C GLY C 64 -3.43 -21.15 7.97
N SER C 65 -4.33 -21.65 8.78
CA SER C 65 -4.71 -23.05 8.71
C SER C 65 -6.14 -23.11 9.19
N GLY C 66 -6.72 -24.30 9.15
CA GLY C 66 -8.08 -24.43 9.60
C GLY C 66 -8.50 -25.87 9.58
N SER C 67 -9.62 -26.15 10.25
CA SER C 67 -10.18 -27.48 10.31
C SER C 67 -11.67 -27.29 10.50
N GLY C 68 -12.46 -27.86 9.60
CA GLY C 68 -13.90 -27.73 9.71
C GLY C 68 -14.28 -26.27 9.70
N THR C 69 -14.96 -25.82 10.75
CA THR C 69 -15.38 -24.43 10.84
C THR C 69 -14.42 -23.62 11.71
N ASP C 70 -13.25 -24.18 11.99
CA ASP C 70 -12.27 -23.48 12.81
C ASP C 70 -11.10 -23.01 11.96
N PHE C 71 -10.77 -21.73 12.07
CA PHE C 71 -9.68 -21.19 11.29
C PHE C 71 -8.69 -20.45 12.16
N THR C 72 -7.40 -20.57 11.84
CA THR C 72 -6.38 -19.93 12.64
C THR C 72 -5.36 -19.15 11.83
N LEU C 73 -5.06 -17.94 12.28
CA LEU C 73 -4.05 -17.12 11.65
C LEU C 73 -2.88 -17.16 12.62
N SER C 74 -1.73 -17.61 12.15
CA SER C 74 -0.55 -17.69 12.98
C SER C 74 0.51 -16.69 12.56
N ILE C 75 1.16 -16.10 13.55
CA ILE C 75 2.24 -15.18 13.26
C ILE C 75 3.40 -15.76 14.03
N ASN C 76 4.33 -16.36 13.30
CA ASN C 76 5.49 -16.94 13.94
C ASN C 76 6.50 -15.84 14.16
N SER C 77 6.69 -15.46 15.42
CA SER C 77 7.62 -14.42 15.78
C SER C 77 7.04 -13.07 15.31
N VAL C 78 5.98 -12.66 15.98
CA VAL C 78 5.32 -11.41 15.65
C VAL C 78 6.29 -10.25 15.82
N GLU C 79 6.11 -9.22 15.01
CA GLU C 79 6.99 -8.06 15.06
C GLU C 79 6.23 -6.79 15.40
N THR C 80 6.97 -5.79 15.85
CA THR C 80 6.40 -4.50 16.19
C THR C 80 5.41 -4.03 15.13
N GLU C 81 5.79 -4.16 13.87
CA GLU C 81 4.96 -3.73 12.74
C GLU C 81 3.68 -4.54 12.52
N ASP C 82 3.46 -5.55 13.35
CA ASP C 82 2.28 -6.39 13.19
C ASP C 82 1.07 -5.92 13.98
N PHE C 83 1.24 -4.83 14.74
CA PHE C 83 0.11 -4.30 15.52
C PHE C 83 -0.97 -3.85 14.55
N GLY C 84 -2.22 -3.93 15.00
CA GLY C 84 -3.34 -3.53 14.16
C GLY C 84 -4.53 -4.43 14.46
N VAL C 85 -5.51 -4.44 13.57
CA VAL C 85 -6.69 -5.27 13.76
C VAL C 85 -6.74 -6.34 12.69
N TYR C 86 -6.96 -7.59 13.10
CA TYR C 86 -7.03 -8.70 12.17
C TYR C 86 -8.44 -9.21 12.03
N PHE C 87 -8.87 -9.39 10.79
CA PHE C 87 -10.22 -9.88 10.52
C PHE C 87 -10.17 -11.09 9.60
N CYS C 88 -11.20 -11.91 9.71
CA CYS C 88 -11.37 -13.05 8.83
C CYS C 88 -12.66 -12.70 8.12
N GLN C 89 -12.83 -13.22 6.93
CA GLN C 89 -14.00 -12.96 6.12
C GLN C 89 -14.26 -14.21 5.31
N GLN C 90 -15.52 -14.57 5.20
CA GLN C 90 -15.87 -15.77 4.47
C GLN C 90 -16.50 -15.43 3.12
N SER C 91 -16.30 -16.32 2.15
CA SER C 91 -16.86 -16.17 0.82
C SER C 91 -17.47 -17.51 0.44
N GLY C 92 -17.89 -18.26 1.45
CA GLY C 92 -18.51 -19.55 1.21
C GLY C 92 -20.01 -19.40 1.08
N SER C 93 -20.56 -18.34 1.67
CA SER C 93 -21.99 -18.10 1.62
C SER C 93 -22.38 -16.62 1.52
N TRP C 94 -23.62 -16.37 1.11
CA TRP C 94 -24.14 -15.01 1.00
C TRP C 94 -25.19 -14.78 2.08
N PRO C 95 -25.14 -13.62 2.72
CA PRO C 95 -24.20 -12.53 2.49
C PRO C 95 -22.80 -12.79 3.03
N ARG C 96 -21.79 -12.21 2.38
CA ARG C 96 -20.43 -12.35 2.85
C ARG C 96 -20.39 -11.69 4.23
N THR C 97 -19.54 -12.20 5.10
CA THR C 97 -19.45 -11.65 6.45
C THR C 97 -18.00 -11.62 6.93
N PHE C 98 -17.76 -10.76 7.93
CA PHE C 98 -16.45 -10.59 8.53
C PHE C 98 -16.49 -10.93 10.01
N GLY C 99 -15.35 -11.33 10.55
CA GLY C 99 -15.27 -11.61 11.97
C GLY C 99 -15.27 -10.26 12.66
N GLY C 100 -15.42 -10.26 13.98
CA GLY C 100 -15.43 -9.01 14.71
C GLY C 100 -14.05 -8.42 14.83
N GLY C 101 -13.05 -9.20 14.42
CA GLY C 101 -11.68 -8.74 14.46
C GLY C 101 -10.99 -8.92 15.80
N THR C 102 -9.66 -8.91 15.76
CA THR C 102 -8.84 -9.03 16.95
C THR C 102 -7.86 -7.90 16.92
N LYS C 103 -7.84 -7.13 18.01
CA LYS C 103 -6.92 -6.02 18.08
C LYS C 103 -5.64 -6.55 18.69
N LEU C 104 -4.58 -6.53 17.90
CA LEU C 104 -3.29 -7.01 18.37
C LEU C 104 -2.42 -5.82 18.65
N ASP C 105 -1.98 -5.68 19.90
CA ASP C 105 -1.11 -4.57 20.25
C ASP C 105 0.26 -5.10 20.68
N ILE C 106 1.26 -4.23 20.60
CA ILE C 106 2.61 -4.61 20.95
C ILE C 106 2.98 -4.28 22.37
N LYS C 107 3.56 -5.26 23.07
CA LYS C 107 3.98 -5.07 24.44
C LYS C 107 5.31 -4.36 24.34
N ARG C 108 5.57 -3.45 25.28
CA ARG C 108 6.80 -2.70 25.29
C ARG C 108 7.10 -2.32 26.75
N ALA C 109 8.33 -1.90 27.01
CA ALA C 109 8.71 -1.51 28.35
C ALA C 109 7.85 -0.33 28.80
N ASP C 110 7.55 -0.26 30.09
CA ASP C 110 6.77 0.85 30.61
C ASP C 110 7.51 2.13 30.29
N ALA C 111 6.78 3.18 29.97
CA ALA C 111 7.37 4.47 29.64
C ALA C 111 6.49 5.58 30.18
N ALA C 112 7.08 6.46 30.98
CA ALA C 112 6.35 7.56 31.57
C ALA C 112 5.99 8.58 30.49
N PRO C 113 4.83 9.23 30.64
CA PRO C 113 4.43 10.21 29.64
C PRO C 113 5.23 11.50 29.70
N THR C 114 5.61 12.03 28.54
CA THR C 114 6.32 13.30 28.50
C THR C 114 5.18 14.30 28.50
N VAL C 115 5.10 15.10 29.56
CA VAL C 115 4.00 16.05 29.69
C VAL C 115 4.33 17.51 29.42
N SER C 116 3.49 18.14 28.60
CA SER C 116 3.65 19.55 28.24
C SER C 116 2.31 20.25 28.36
N ILE C 117 2.28 21.35 29.09
CA ILE C 117 1.05 22.11 29.27
C ILE C 117 1.19 23.42 28.50
N PHE C 118 0.08 23.90 27.94
CA PHE C 118 0.09 25.12 27.14
C PHE C 118 -1.06 26.06 27.48
N PRO C 119 -0.75 27.31 27.85
CA PRO C 119 -1.82 28.25 28.16
C PRO C 119 -2.46 28.73 26.87
N PRO C 120 -3.67 29.30 26.94
CA PRO C 120 -4.32 29.77 25.72
C PRO C 120 -3.47 30.80 24.97
N SER C 121 -3.45 30.67 23.64
CA SER C 121 -2.69 31.57 22.79
C SER C 121 -3.25 32.98 22.83
N SER C 122 -2.40 33.97 22.59
CA SER C 122 -2.86 35.36 22.61
C SER C 122 -3.99 35.51 21.59
N GLU C 123 -3.84 34.88 20.43
CA GLU C 123 -4.87 34.96 19.40
C GLU C 123 -6.22 34.45 19.87
N GLN C 124 -6.25 33.34 20.59
CA GLN C 124 -7.51 32.79 21.07
C GLN C 124 -8.16 33.74 22.08
N LEU C 125 -7.38 34.20 23.06
CA LEU C 125 -7.92 35.12 24.05
C LEU C 125 -8.50 36.33 23.36
N THR C 126 -7.75 36.86 22.40
CA THR C 126 -8.17 38.02 21.64
C THR C 126 -9.52 37.75 20.96
N SER C 127 -9.75 36.50 20.60
CA SER C 127 -11.01 36.12 19.97
C SER C 127 -12.05 35.77 21.03
N GLY C 128 -11.69 36.02 22.29
CA GLY C 128 -12.60 35.74 23.40
C GLY C 128 -12.69 34.27 23.79
N GLY C 129 -11.74 33.47 23.32
CA GLY C 129 -11.74 32.06 23.65
C GLY C 129 -10.63 31.68 24.61
N ALA C 130 -10.72 30.52 25.22
CA ALA C 130 -9.71 30.07 26.16
C ALA C 130 -9.65 28.55 26.35
N SER C 131 -8.61 27.94 25.82
CA SER C 131 -8.41 26.50 25.95
C SER C 131 -7.01 26.26 26.45
N VAL C 132 -6.87 25.39 27.45
CA VAL C 132 -5.56 25.07 27.97
C VAL C 132 -5.30 23.67 27.47
N VAL C 133 -4.17 23.48 26.81
CA VAL C 133 -3.82 22.19 26.25
C VAL C 133 -2.72 21.47 27.00
N CYS C 134 -2.88 20.16 27.09
CA CYS C 134 -1.90 19.32 27.74
C CYS C 134 -1.60 18.10 26.89
N PHE C 135 -0.31 17.86 26.65
CA PHE C 135 0.13 16.71 25.87
C PHE C 135 0.81 15.72 26.80
N LEU C 136 0.39 14.47 26.71
CA LEU C 136 0.96 13.38 27.50
C LEU C 136 1.44 12.42 26.44
N ASN C 137 2.69 12.63 26.01
CA ASN C 137 3.22 11.82 24.92
C ASN C 137 4.17 10.68 25.22
N ASN C 138 4.21 9.76 24.25
CA ASN C 138 5.06 8.59 24.27
C ASN C 138 5.11 7.84 25.58
N PHE C 139 3.95 7.36 26.03
CA PHE C 139 3.91 6.60 27.26
C PHE C 139 3.43 5.18 27.02
N TYR C 140 3.66 4.33 28.00
CA TYR C 140 3.26 2.93 27.94
C TYR C 140 3.24 2.36 29.35
N PRO C 141 2.22 1.56 29.69
CA PRO C 141 1.07 1.16 28.87
C PRO C 141 0.06 2.23 28.50
N LYS C 142 -0.91 1.84 27.67
CA LYS C 142 -1.94 2.75 27.17
C LYS C 142 -2.77 3.46 28.24
N ASP C 143 -3.19 2.73 29.26
CA ASP C 143 -4.00 3.34 30.31
C ASP C 143 -3.30 4.44 31.09
N ILE C 144 -3.97 5.58 31.17
CA ILE C 144 -3.45 6.75 31.87
C ILE C 144 -4.65 7.59 32.29
N ASN C 145 -4.50 8.30 33.40
CA ASN C 145 -5.58 9.14 33.91
C ASN C 145 -5.12 10.59 33.89
N VAL C 146 -5.99 11.48 33.42
CA VAL C 146 -5.66 12.89 33.39
C VAL C 146 -6.65 13.65 34.25
N LYS C 147 -6.14 14.65 34.96
CA LYS C 147 -7.00 15.47 35.81
C LYS C 147 -6.51 16.90 35.73
N TRP C 148 -7.45 17.84 35.70
CA TRP C 148 -7.10 19.24 35.63
C TRP C 148 -7.35 19.91 36.96
N LYS C 149 -6.53 20.90 37.28
CA LYS C 149 -6.66 21.63 38.53
C LYS C 149 -6.50 23.13 38.33
N ILE C 150 -7.57 23.86 38.60
CA ILE C 150 -7.55 25.31 38.48
C ILE C 150 -7.47 25.81 39.92
N ASP C 151 -6.33 26.43 40.27
CA ASP C 151 -6.12 26.94 41.62
C ASP C 151 -6.42 25.84 42.62
N GLY C 152 -5.67 24.75 42.54
CA GLY C 152 -5.86 23.63 43.46
C GLY C 152 -7.08 22.79 43.15
N SER C 153 -8.21 23.44 42.88
CA SER C 153 -9.47 22.75 42.57
C SER C 153 -9.34 21.88 41.33
N GLU C 154 -9.94 20.70 41.38
CA GLU C 154 -9.91 19.76 40.27
C GLU C 154 -11.14 19.94 39.38
N ARG C 155 -10.89 20.34 38.14
CA ARG C 155 -11.97 20.55 37.16
C ARG C 155 -12.22 19.29 36.35
N GLN C 156 -13.49 18.94 36.16
CA GLN C 156 -13.87 17.76 35.40
C GLN C 156 -14.67 18.11 34.15
N ASN C 157 -15.31 19.28 34.16
CA ASN C 157 -16.11 19.73 33.02
C ASN C 157 -15.31 20.57 32.03
N GLY C 158 -15.57 20.39 30.74
CA GLY C 158 -14.87 21.14 29.71
C GLY C 158 -13.55 20.53 29.32
N VAL C 159 -13.37 19.25 29.65
CA VAL C 159 -12.15 18.55 29.32
C VAL C 159 -12.35 17.60 28.13
N LEU C 160 -11.54 17.78 27.10
CA LEU C 160 -11.60 16.97 25.88
C LEU C 160 -10.30 16.15 25.74
N ASN C 161 -10.42 14.83 25.75
CA ASN C 161 -9.25 13.95 25.64
C ASN C 161 -9.24 13.15 24.33
N SER C 162 -8.06 12.96 23.78
CA SER C 162 -7.88 12.20 22.55
C SER C 162 -6.63 11.35 22.68
N TRP C 163 -6.71 10.10 22.22
CA TRP C 163 -5.61 9.15 22.29
C TRP C 163 -5.17 8.70 20.91
N THR C 164 -3.86 8.64 20.69
CA THR C 164 -3.34 8.19 19.42
C THR C 164 -3.27 6.67 19.49
N ASP C 165 -3.34 6.02 18.33
CA ASP C 165 -3.23 4.57 18.28
C ASP C 165 -1.78 4.29 18.61
N GLN C 166 -1.45 3.03 18.88
CA GLN C 166 -0.08 2.67 19.22
C GLN C 166 0.91 3.16 18.18
N ASP C 167 1.96 3.85 18.64
CA ASP C 167 2.99 4.39 17.75
C ASP C 167 3.72 3.27 17.02
N SER C 168 3.90 3.44 15.71
CA SER C 168 4.58 2.45 14.90
C SER C 168 6.09 2.50 15.08
N LYS C 169 6.59 3.63 15.55
CA LYS C 169 8.03 3.79 15.75
C LYS C 169 8.52 3.20 17.08
N ASP C 170 7.82 3.49 18.18
CA ASP C 170 8.24 2.96 19.48
C ASP C 170 7.16 2.25 20.29
N SER C 171 6.03 1.98 19.66
CA SER C 171 4.93 1.28 20.33
C SER C 171 4.37 1.99 21.55
N THR C 172 4.60 3.30 21.64
CA THR C 172 4.08 4.06 22.77
C THR C 172 2.70 4.61 22.40
N TYR C 173 2.05 5.21 23.39
CA TYR C 173 0.75 5.83 23.21
C TYR C 173 0.89 7.29 23.62
N SER C 174 0.12 8.16 23.00
CA SER C 174 0.15 9.57 23.34
C SER C 174 -1.26 10.03 23.58
N MET C 175 -1.41 11.14 24.28
CA MET C 175 -2.74 11.64 24.57
C MET C 175 -2.75 13.14 24.73
N SER C 176 -3.83 13.76 24.27
CA SER C 176 -3.97 15.19 24.41
C SER C 176 -5.22 15.44 25.24
N SER C 177 -5.11 16.36 26.18
CA SER C 177 -6.23 16.72 27.03
C SER C 177 -6.34 18.23 26.89
N THR C 178 -7.47 18.69 26.40
CA THR C 178 -7.69 20.12 26.23
C THR C 178 -8.84 20.60 27.10
N LEU C 179 -8.52 21.49 28.02
CA LEU C 179 -9.51 22.05 28.92
C LEU C 179 -9.95 23.38 28.33
N THR C 180 -11.25 23.53 28.11
CA THR C 180 -11.75 24.78 27.55
C THR C 180 -12.64 25.50 28.53
N LEU C 181 -12.42 26.81 28.63
CA LEU C 181 -13.19 27.67 29.51
C LEU C 181 -13.49 28.94 28.73
N THR C 182 -14.07 29.92 29.41
CA THR C 182 -14.39 31.18 28.79
C THR C 182 -13.21 32.11 29.04
N LYS C 183 -12.91 32.99 28.09
CA LYS C 183 -11.81 33.93 28.24
C LYS C 183 -11.86 34.59 29.61
N ASP C 184 -13.07 34.90 30.05
CA ASP C 184 -13.26 35.56 31.33
C ASP C 184 -13.05 34.58 32.49
N GLU C 185 -13.61 33.38 32.36
CA GLU C 185 -13.48 32.36 33.40
C GLU C 185 -12.00 32.08 33.59
N TYR C 186 -11.26 32.02 32.49
CA TYR C 186 -9.83 31.76 32.53
C TYR C 186 -9.11 32.91 33.21
N GLU C 187 -9.50 34.15 32.88
CA GLU C 187 -8.88 35.32 33.48
C GLU C 187 -9.25 35.40 34.96
N ARG C 188 -10.17 34.53 35.37
CA ARG C 188 -10.67 34.49 36.73
C ARG C 188 -9.85 33.57 37.63
N HIS C 189 -8.68 33.16 37.14
CA HIS C 189 -7.80 32.27 37.90
C HIS C 189 -6.36 32.47 37.49
N ASN C 190 -5.44 31.83 38.19
CA ASN C 190 -4.02 32.00 37.88
C ASN C 190 -3.29 30.71 37.56
N SER C 191 -3.33 29.75 38.47
CA SER C 191 -2.65 28.48 38.29
C SER C 191 -3.50 27.46 37.56
N TYR C 192 -2.92 26.86 36.54
CA TYR C 192 -3.59 25.82 35.77
C TYR C 192 -2.63 24.65 35.73
N THR C 193 -3.09 23.49 36.21
CA THR C 193 -2.24 22.32 36.24
C THR C 193 -2.82 21.10 35.56
N CYS C 194 -1.93 20.34 34.92
CA CYS C 194 -2.28 19.12 34.22
C CYS C 194 -1.53 17.99 34.91
N GLU C 195 -2.25 16.97 35.36
CA GLU C 195 -1.60 15.85 36.04
C GLU C 195 -2.04 14.52 35.47
N ALA C 196 -1.07 13.63 35.26
CA ALA C 196 -1.35 12.31 34.73
C ALA C 196 -1.00 11.22 35.74
N THR C 197 -1.90 10.28 35.92
CA THR C 197 -1.70 9.18 36.86
C THR C 197 -1.37 7.92 36.07
N HIS C 198 -0.08 7.71 35.81
CA HIS C 198 0.38 6.54 35.06
C HIS C 198 1.14 5.60 35.99
N LYS C 199 0.98 4.30 35.76
CA LYS C 199 1.64 3.28 36.58
C LYS C 199 3.17 3.39 36.61
N THR C 200 3.73 4.20 35.71
CA THR C 200 5.18 4.36 35.66
C THR C 200 5.69 5.15 36.86
N SER C 201 4.78 5.59 37.72
CA SER C 201 5.17 6.35 38.89
C SER C 201 4.07 6.39 39.95
N THR C 202 4.48 6.60 41.20
CA THR C 202 3.52 6.68 42.30
C THR C 202 2.93 8.09 42.27
N SER C 203 3.79 9.07 42.09
CA SER C 203 3.36 10.47 42.03
C SER C 203 3.01 10.78 40.58
N PRO C 204 1.78 11.23 40.33
CA PRO C 204 1.36 11.55 38.96
C PRO C 204 2.21 12.67 38.36
N ILE C 205 2.67 12.47 37.13
CA ILE C 205 3.48 13.48 36.46
C ILE C 205 2.62 14.73 36.40
N VAL C 206 3.24 15.89 36.62
CA VAL C 206 2.50 17.14 36.63
C VAL C 206 3.16 18.26 35.84
N LYS C 207 2.33 19.18 35.36
CA LYS C 207 2.81 20.34 34.63
C LYS C 207 1.83 21.47 34.93
N SER C 208 2.35 22.68 35.09
CA SER C 208 1.50 23.81 35.42
C SER C 208 2.08 25.14 34.97
N PHE C 209 1.24 26.17 35.00
CA PHE C 209 1.66 27.51 34.64
C PHE C 209 0.71 28.48 35.32
N ASN C 210 1.12 29.73 35.43
CA ASN C 210 0.29 30.75 36.06
C ASN C 210 0.32 32.03 35.22
N ARG C 211 -0.84 32.68 35.09
CA ARG C 211 -0.88 33.92 34.32
C ARG C 211 0.00 34.93 35.02
N ASN C 212 0.48 34.55 36.21
CA ASN C 212 1.34 35.39 37.03
C ASN C 212 2.55 34.60 37.54
N GLU D 1 -0.94 -3.21 -10.09
CA GLU D 1 -1.43 -2.46 -11.26
C GLU D 1 -2.92 -2.15 -11.17
N VAL D 2 -3.66 -3.04 -10.52
CA VAL D 2 -5.08 -2.79 -10.34
C VAL D 2 -5.24 -1.83 -9.18
N GLN D 3 -6.16 -0.87 -9.32
CA GLN D 3 -6.42 0.05 -8.22
C GLN D 3 -7.82 0.63 -8.34
N LEU D 4 -8.50 0.64 -7.20
CA LEU D 4 -9.85 1.17 -7.09
C LEU D 4 -9.71 2.52 -6.40
N GLU D 5 -10.32 3.53 -6.99
CA GLU D 5 -10.28 4.88 -6.47
C GLU D 5 -11.69 5.29 -6.05
N GLN D 6 -11.84 5.72 -4.80
CA GLN D 6 -13.14 6.13 -4.32
C GLN D 6 -13.23 7.64 -4.27
N SER D 7 -14.47 8.14 -4.21
CA SER D 7 -14.72 9.57 -4.12
C SER D 7 -14.33 9.99 -2.70
N GLY D 8 -14.24 11.29 -2.47
CA GLY D 8 -13.83 11.81 -1.18
C GLY D 8 -14.81 11.84 -0.03
N ALA D 9 -14.35 12.35 1.11
CA ALA D 9 -15.16 12.46 2.29
C ALA D 9 -16.43 13.23 1.95
N GLU D 10 -17.53 12.84 2.57
CA GLU D 10 -18.82 13.49 2.31
C GLU D 10 -19.55 13.83 3.58
N LEU D 11 -20.20 14.98 3.57
CA LEU D 11 -21.00 15.43 4.68
C LEU D 11 -22.40 15.63 4.10
N MET D 12 -23.37 14.89 4.63
CA MET D 12 -24.74 15.02 4.16
C MET D 12 -25.64 15.06 5.37
N LYS D 13 -26.76 15.75 5.24
CA LYS D 13 -27.70 15.88 6.32
C LYS D 13 -28.58 14.64 6.41
N PRO D 14 -29.11 14.38 7.61
CA PRO D 14 -29.96 13.20 7.75
C PRO D 14 -31.17 13.36 6.84
N GLY D 15 -31.62 12.25 6.27
CA GLY D 15 -32.75 12.28 5.37
C GLY D 15 -32.29 12.41 3.93
N ALA D 16 -31.07 12.91 3.76
CA ALA D 16 -30.53 13.10 2.42
C ALA D 16 -29.93 11.81 1.88
N SER D 17 -29.30 11.92 0.73
CA SER D 17 -28.69 10.78 0.08
C SER D 17 -27.27 11.15 -0.31
N VAL D 18 -26.46 10.14 -0.60
CA VAL D 18 -25.10 10.36 -1.05
C VAL D 18 -24.73 9.23 -1.98
N LYS D 19 -23.97 9.54 -3.02
CA LYS D 19 -23.54 8.51 -3.95
C LYS D 19 -22.02 8.44 -3.92
N ILE D 20 -21.49 7.29 -3.52
CA ILE D 20 -20.05 7.10 -3.43
C ILE D 20 -19.57 6.34 -4.65
N SER D 21 -18.52 6.85 -5.29
CA SER D 21 -18.00 6.22 -6.49
C SER D 21 -16.78 5.37 -6.24
N CYS D 22 -16.51 4.47 -7.17
CA CYS D 22 -15.39 3.55 -7.07
C CYS D 22 -14.94 3.29 -8.49
N LYS D 23 -13.89 3.98 -8.90
CA LYS D 23 -13.39 3.81 -10.26
C LYS D 23 -12.32 2.75 -10.23
N ALA D 24 -12.41 1.81 -11.16
CA ALA D 24 -11.46 0.73 -11.23
C ALA D 24 -10.58 0.84 -12.48
N THR D 25 -9.30 0.56 -12.32
CA THR D 25 -8.36 0.60 -13.43
C THR D 25 -7.44 -0.60 -13.30
N GLY D 26 -7.05 -1.18 -14.43
CA GLY D 26 -6.15 -2.33 -14.38
C GLY D 26 -6.74 -3.67 -14.78
N TYR D 27 -8.04 -3.74 -14.97
CA TYR D 27 -8.65 -5.00 -15.36
C TYR D 27 -9.94 -4.74 -16.11
N THR D 28 -10.52 -5.78 -16.72
CA THR D 28 -11.77 -5.60 -17.46
C THR D 28 -12.89 -5.37 -16.45
N PHE D 29 -13.28 -4.11 -16.31
CA PHE D 29 -14.29 -3.68 -15.36
C PHE D 29 -15.53 -4.58 -15.22
N THR D 30 -16.14 -4.92 -16.36
CA THR D 30 -17.36 -5.72 -16.32
C THR D 30 -17.17 -7.19 -15.99
N THR D 31 -15.93 -7.61 -15.76
CA THR D 31 -15.63 -9.01 -15.47
C THR D 31 -15.59 -9.37 -13.98
N TYR D 32 -15.54 -8.37 -13.12
CA TYR D 32 -15.49 -8.64 -11.69
C TYR D 32 -16.55 -7.87 -10.94
N TRP D 33 -17.04 -8.50 -9.88
CA TRP D 33 -18.02 -7.85 -9.05
C TRP D 33 -17.28 -6.79 -8.26
N ILE D 34 -17.99 -5.73 -7.92
CA ILE D 34 -17.43 -4.67 -7.09
C ILE D 34 -18.19 -4.85 -5.77
N GLU D 35 -17.45 -5.00 -4.68
CA GLU D 35 -18.05 -5.19 -3.37
C GLU D 35 -18.08 -3.88 -2.60
N TRP D 36 -19.10 -3.70 -1.78
CA TRP D 36 -19.24 -2.51 -0.96
C TRP D 36 -19.28 -2.94 0.50
N ILE D 37 -18.41 -2.31 1.28
CA ILE D 37 -18.26 -2.64 2.68
C ILE D 37 -18.38 -1.40 3.56
N LYS D 38 -19.08 -1.56 4.66
CA LYS D 38 -19.27 -0.47 5.60
C LYS D 38 -18.49 -0.77 6.86
N GLN D 39 -17.84 0.26 7.41
CA GLN D 39 -17.09 0.10 8.64
C GLN D 39 -17.13 1.33 9.52
N ARG D 40 -17.79 1.20 10.67
CA ARG D 40 -17.85 2.29 11.62
C ARG D 40 -16.53 2.26 12.37
N PRO D 41 -15.92 3.42 12.62
CA PRO D 41 -14.63 3.48 13.33
C PRO D 41 -14.58 2.59 14.58
N GLY D 42 -13.50 1.85 14.72
CA GLY D 42 -13.33 0.95 15.85
C GLY D 42 -14.19 -0.30 15.78
N HIS D 43 -15.06 -0.38 14.79
CA HIS D 43 -15.94 -1.53 14.63
C HIS D 43 -15.48 -2.47 13.54
N SER D 44 -16.26 -3.54 13.34
CA SER D 44 -15.94 -4.52 12.32
C SER D 44 -16.44 -4.04 10.96
N LEU D 45 -16.20 -4.86 9.95
CA LEU D 45 -16.60 -4.55 8.59
C LEU D 45 -17.93 -5.23 8.29
N GLU D 46 -18.82 -4.49 7.64
CA GLU D 46 -20.13 -4.99 7.28
C GLU D 46 -20.25 -5.05 5.75
N TRP D 47 -20.53 -6.23 5.22
CA TRP D 47 -20.68 -6.37 3.79
C TRP D 47 -22.06 -5.84 3.40
N ILE D 48 -22.07 -4.76 2.62
CA ILE D 48 -23.31 -4.12 2.17
C ILE D 48 -23.91 -4.89 0.99
N GLY D 49 -23.03 -5.27 0.06
CA GLY D 49 -23.50 -6.00 -1.11
C GLY D 49 -22.53 -5.88 -2.25
N GLU D 50 -22.98 -6.24 -3.44
CA GLU D 50 -22.12 -6.18 -4.59
C GLU D 50 -22.92 -5.95 -5.86
N ILE D 51 -22.19 -5.61 -6.91
CA ILE D 51 -22.76 -5.38 -8.22
C ILE D 51 -21.74 -5.80 -9.26
N LEU D 52 -22.24 -6.40 -10.34
CA LEU D 52 -21.38 -6.81 -11.43
C LEU D 52 -21.60 -5.72 -12.47
N PRO D 53 -20.60 -4.86 -12.68
CA PRO D 53 -20.69 -3.76 -13.65
C PRO D 53 -21.07 -4.21 -15.05
N GLY D 54 -21.89 -3.40 -15.73
CA GLY D 54 -22.31 -3.74 -17.08
C GLY D 54 -23.66 -4.41 -17.05
N SER D 55 -23.68 -5.67 -16.66
CA SER D 55 -24.93 -6.41 -16.56
C SER D 55 -25.66 -5.82 -15.38
N ASP D 56 -24.89 -5.19 -14.49
CA ASP D 56 -25.41 -4.55 -13.30
C ASP D 56 -26.22 -5.47 -12.39
N SER D 57 -25.86 -6.74 -12.35
CA SER D 57 -26.54 -7.68 -11.46
C SER D 57 -26.12 -7.27 -10.04
N THR D 58 -27.02 -7.40 -9.07
CA THR D 58 -26.71 -6.98 -7.71
C THR D 58 -27.24 -7.91 -6.63
N TYR D 59 -26.71 -7.72 -5.42
CA TYR D 59 -27.14 -8.46 -4.24
C TYR D 59 -26.99 -7.44 -3.14
N TYR D 60 -28.03 -7.29 -2.33
CA TYR D 60 -27.99 -6.33 -1.24
C TYR D 60 -28.05 -7.01 0.11
N ASN D 61 -27.31 -6.47 1.06
CA ASN D 61 -27.32 -7.02 2.41
C ASN D 61 -27.70 -5.88 3.32
N GLU D 62 -28.88 -5.34 3.08
CA GLU D 62 -29.41 -4.23 3.85
C GLU D 62 -30.76 -4.60 4.44
N LYS D 63 -31.01 -4.16 5.67
CA LYS D 63 -32.28 -4.45 6.31
C LYS D 63 -33.37 -3.64 5.62
N VAL D 64 -33.09 -2.37 5.37
CA VAL D 64 -34.06 -1.49 4.71
C VAL D 64 -33.88 -1.63 3.21
N LYS D 65 -34.83 -2.31 2.58
CA LYS D 65 -34.80 -2.55 1.15
C LYS D 65 -34.93 -1.26 0.35
N GLY D 66 -33.94 -1.01 -0.49
CA GLY D 66 -33.95 0.19 -1.32
C GLY D 66 -33.16 1.36 -0.75
N LYS D 67 -32.68 1.21 0.48
CA LYS D 67 -31.91 2.27 1.11
C LYS D 67 -30.58 2.39 0.39
N VAL D 68 -30.07 1.25 -0.05
CA VAL D 68 -28.82 1.22 -0.77
C VAL D 68 -29.05 0.72 -2.20
N THR D 69 -28.53 1.46 -3.17
CA THR D 69 -28.65 1.08 -4.57
C THR D 69 -27.30 1.19 -5.26
N PHE D 70 -26.90 0.11 -5.92
CA PHE D 70 -25.64 0.10 -6.64
C PHE D 70 -25.93 0.30 -8.13
N THR D 71 -25.05 1.02 -8.80
CA THR D 71 -25.16 1.26 -10.22
C THR D 71 -23.72 1.23 -10.70
N ALA D 72 -23.54 1.26 -12.00
CA ALA D 72 -22.20 1.23 -12.55
C ALA D 72 -22.25 1.88 -13.92
N ASP D 73 -21.15 2.53 -14.27
CA ASP D 73 -21.02 3.17 -15.56
C ASP D 73 -19.85 2.42 -16.19
N ALA D 74 -20.17 1.44 -17.03
CA ALA D 74 -19.13 0.63 -17.67
C ALA D 74 -18.14 1.46 -18.45
N SER D 75 -18.63 2.41 -19.23
CA SER D 75 -17.76 3.25 -20.06
C SER D 75 -16.78 4.13 -19.29
N SER D 76 -17.01 4.29 -17.98
CA SER D 76 -16.11 5.10 -17.17
C SER D 76 -15.42 4.21 -16.12
N ASN D 77 -15.71 2.91 -16.18
CA ASN D 77 -15.12 1.95 -15.24
C ASN D 77 -15.38 2.37 -13.80
N THR D 78 -16.57 2.87 -13.54
CA THR D 78 -16.92 3.33 -12.21
C THR D 78 -18.21 2.69 -11.72
N ALA D 79 -18.20 2.23 -10.47
CA ALA D 79 -19.39 1.65 -9.86
C ALA D 79 -19.77 2.65 -8.79
N TYR D 80 -21.05 2.69 -8.44
CA TYR D 80 -21.49 3.63 -7.42
C TYR D 80 -22.40 2.95 -6.44
N MET D 81 -22.44 3.50 -5.24
CA MET D 81 -23.31 2.98 -4.21
C MET D 81 -24.04 4.21 -3.70
N GLN D 82 -25.37 4.19 -3.80
CA GLN D 82 -26.13 5.31 -3.31
C GLN D 82 -26.77 4.94 -1.99
N LEU D 83 -26.48 5.74 -0.98
CA LEU D 83 -27.02 5.56 0.37
C LEU D 83 -28.01 6.69 0.58
N SER D 84 -29.26 6.35 0.83
CA SER D 84 -30.28 7.37 1.01
C SER D 84 -30.97 7.29 2.37
N SER D 85 -31.92 8.19 2.61
CA SER D 85 -32.64 8.26 3.87
C SER D 85 -31.57 8.21 4.96
N LEU D 86 -30.50 8.96 4.72
CA LEU D 86 -29.37 8.99 5.65
C LEU D 86 -29.69 9.27 7.11
N THR D 87 -29.03 8.52 7.98
CA THR D 87 -29.19 8.68 9.42
C THR D 87 -27.78 8.69 10.02
N SER D 88 -27.65 9.09 11.27
CA SER D 88 -26.36 9.11 11.93
C SER D 88 -25.74 7.70 11.91
N GLU D 89 -26.61 6.68 11.84
CA GLU D 89 -26.17 5.28 11.80
C GLU D 89 -25.37 4.99 10.53
N ASP D 90 -25.58 5.81 9.50
CA ASP D 90 -24.90 5.66 8.23
C ASP D 90 -23.52 6.30 8.22
N SER D 91 -23.23 7.12 9.25
CA SER D 91 -21.92 7.76 9.34
C SER D 91 -20.90 6.63 9.54
N ALA D 92 -19.93 6.56 8.64
CA ALA D 92 -18.92 5.51 8.71
C ALA D 92 -18.03 5.58 7.49
N VAL D 93 -17.05 4.69 7.43
CA VAL D 93 -16.15 4.63 6.31
C VAL D 93 -16.70 3.54 5.41
N TYR D 94 -16.86 3.84 4.14
CA TYR D 94 -17.36 2.87 3.17
C TYR D 94 -16.24 2.52 2.24
N TYR D 95 -16.10 1.24 1.95
CA TYR D 95 -15.06 0.76 1.06
C TYR D 95 -15.66 -0.01 -0.10
N CYS D 96 -14.99 0.07 -1.25
CA CYS D 96 -15.38 -0.75 -2.36
C CYS D 96 -14.16 -1.64 -2.45
N ALA D 97 -14.34 -2.82 -3.02
CA ALA D 97 -13.25 -3.78 -3.17
C ALA D 97 -13.63 -4.64 -4.35
N ARG D 98 -12.63 -5.17 -5.04
CA ARG D 98 -12.95 -6.02 -6.16
C ARG D 98 -13.32 -7.39 -5.61
N GLY D 99 -14.28 -8.03 -6.26
CA GLY D 99 -14.72 -9.34 -5.81
C GLY D 99 -13.86 -10.46 -6.33
N ASP D 100 -12.99 -10.99 -5.50
CA ASP D 100 -12.11 -12.10 -5.85
C ASP D 100 -12.28 -13.20 -4.80
N GLY D 101 -13.48 -13.30 -4.23
CA GLY D 101 -13.70 -14.28 -3.18
C GLY D 101 -13.17 -13.57 -1.96
N PHE D 102 -11.85 -13.41 -1.92
CA PHE D 102 -11.19 -12.65 -0.88
C PHE D 102 -11.19 -11.24 -1.47
N TYR D 103 -10.75 -10.27 -0.70
CA TYR D 103 -10.70 -8.88 -1.18
C TYR D 103 -9.25 -8.41 -1.15
N VAL D 104 -8.59 -8.47 -2.31
CA VAL D 104 -7.20 -8.06 -2.40
C VAL D 104 -7.09 -6.60 -2.83
N TYR D 105 -8.02 -6.17 -3.68
CA TYR D 105 -8.00 -4.79 -4.15
C TYR D 105 -9.12 -3.98 -3.49
N TRP D 106 -8.73 -3.03 -2.65
CA TRP D 106 -9.68 -2.18 -1.96
C TRP D 106 -9.58 -0.72 -2.38
N GLY D 107 -10.69 0.00 -2.27
CA GLY D 107 -10.67 1.42 -2.56
C GLY D 107 -9.97 1.98 -1.32
N GLN D 108 -9.68 3.27 -1.29
CA GLN D 108 -8.99 3.85 -0.14
C GLN D 108 -9.94 4.15 1.01
N GLY D 109 -11.23 4.03 0.74
CA GLY D 109 -12.26 4.29 1.74
C GLY D 109 -12.81 5.69 1.61
N THR D 110 -14.12 5.85 1.82
CA THR D 110 -14.77 7.17 1.77
C THR D 110 -15.52 7.34 3.08
N THR D 111 -15.19 8.41 3.79
CA THR D 111 -15.80 8.68 5.08
C THR D 111 -17.07 9.51 4.94
N LEU D 112 -18.19 8.93 5.34
CA LEU D 112 -19.45 9.64 5.25
C LEU D 112 -19.81 10.18 6.63
N THR D 113 -20.16 11.45 6.68
CA THR D 113 -20.58 12.05 7.93
C THR D 113 -22.01 12.54 7.75
N VAL D 114 -22.93 11.97 8.51
CA VAL D 114 -24.33 12.38 8.42
C VAL D 114 -24.61 13.25 9.62
N SER D 115 -24.95 14.50 9.35
CA SER D 115 -25.22 15.45 10.40
C SER D 115 -25.82 16.71 9.81
N SER D 116 -26.56 17.43 10.64
CA SER D 116 -27.17 18.66 10.19
C SER D 116 -26.24 19.79 10.59
N ALA D 117 -25.11 19.44 11.19
CA ALA D 117 -24.14 20.45 11.61
C ALA D 117 -23.60 21.15 10.37
N SER D 118 -23.40 22.45 10.48
CA SER D 118 -22.91 23.25 9.37
C SER D 118 -21.40 23.18 9.19
N THR D 119 -20.96 23.20 7.94
CA THR D 119 -19.53 23.17 7.63
C THR D 119 -18.94 24.44 8.22
N THR D 120 -17.86 24.28 8.98
CA THR D 120 -17.24 25.43 9.63
C THR D 120 -15.72 25.33 9.59
N PRO D 121 -15.05 26.42 9.20
CA PRO D 121 -13.58 26.46 9.11
C PRO D 121 -13.03 26.38 10.53
N PRO D 122 -11.80 25.87 10.69
CA PRO D 122 -11.21 25.76 12.01
C PRO D 122 -10.49 27.04 12.40
N SER D 123 -10.32 27.26 13.69
CA SER D 123 -9.56 28.40 14.16
C SER D 123 -8.26 27.72 14.55
N VAL D 124 -7.13 28.24 14.09
CA VAL D 124 -5.87 27.60 14.43
C VAL D 124 -5.07 28.45 15.39
N TYR D 125 -4.71 27.85 16.52
CA TYR D 125 -3.95 28.56 17.54
C TYR D 125 -2.59 27.93 17.83
N PRO D 126 -1.52 28.73 17.70
CA PRO D 126 -0.17 28.23 17.97
C PRO D 126 -0.06 27.96 19.46
N LEU D 127 0.59 26.86 19.84
CA LEU D 127 0.76 26.51 21.24
C LEU D 127 2.26 26.54 21.56
N ALA D 128 2.66 27.52 22.34
CA ALA D 128 4.06 27.67 22.73
C ALA D 128 4.18 27.52 24.23
N PRO D 129 5.33 27.06 24.72
CA PRO D 129 5.48 26.90 26.17
C PRO D 129 5.16 28.20 26.91
N GLY D 130 4.73 28.07 28.17
CA GLY D 130 4.42 29.24 28.95
C GLY D 130 5.69 29.96 29.39
N SER D 137 16.29 16.41 27.39
CA SER D 137 15.01 16.56 26.62
C SER D 137 15.10 17.66 25.57
N MET D 138 13.96 18.01 24.98
CA MET D 138 13.88 19.06 23.97
C MET D 138 12.68 19.94 24.28
N VAL D 139 12.09 20.56 23.27
CA VAL D 139 10.93 21.41 23.51
C VAL D 139 9.73 20.96 22.69
N THR D 140 8.57 20.96 23.32
CA THR D 140 7.34 20.56 22.65
C THR D 140 6.46 21.76 22.35
N LEU D 141 6.09 21.88 21.08
CA LEU D 141 5.23 22.95 20.61
C LEU D 141 3.96 22.28 20.10
N GLY D 142 2.94 23.08 19.83
CA GLY D 142 1.72 22.49 19.34
C GLY D 142 0.81 23.48 18.65
N CYS D 143 -0.28 22.94 18.11
CA CYS D 143 -1.27 23.74 17.44
C CYS D 143 -2.63 23.17 17.78
N LEU D 144 -3.50 24.05 18.25
CA LEU D 144 -4.85 23.68 18.61
C LEU D 144 -5.73 24.10 17.45
N VAL D 145 -6.49 23.14 16.93
CA VAL D 145 -7.40 23.40 15.83
C VAL D 145 -8.81 23.11 16.31
N LYS D 146 -9.59 24.16 16.59
CA LYS D 146 -10.94 23.92 17.08
C LYS D 146 -12.03 24.65 16.31
N GLY D 147 -13.27 24.24 16.59
CA GLY D 147 -14.43 24.85 15.98
C GLY D 147 -14.68 24.56 14.52
N TYR D 148 -14.18 23.43 14.01
CA TYR D 148 -14.38 23.12 12.60
C TYR D 148 -15.32 21.96 12.38
N PHE D 149 -15.86 21.89 11.18
CA PHE D 149 -16.77 20.84 10.79
C PHE D 149 -16.87 20.83 9.28
N PRO D 150 -16.88 19.65 8.66
CA PRO D 150 -16.80 18.36 9.35
C PRO D 150 -15.34 17.92 9.22
N GLU D 151 -15.05 16.69 9.62
CA GLU D 151 -13.71 16.14 9.48
C GLU D 151 -13.53 15.90 7.98
N PRO D 152 -12.29 15.79 7.50
CA PRO D 152 -11.07 15.88 8.30
C PRO D 152 -10.34 17.20 8.09
N VAL D 153 -9.30 17.35 8.87
CA VAL D 153 -8.41 18.49 8.78
C VAL D 153 -7.05 17.80 8.67
N THR D 154 -6.09 18.43 8.00
CA THR D 154 -4.78 17.82 7.93
C THR D 154 -3.82 18.78 8.59
N VAL D 155 -2.89 18.25 9.37
CA VAL D 155 -1.92 19.10 10.03
C VAL D 155 -0.52 18.62 9.70
N THR D 156 0.34 19.54 9.34
CA THR D 156 1.72 19.20 9.07
C THR D 156 2.55 20.29 9.75
N TRP D 157 3.84 20.05 9.89
CA TRP D 157 4.70 21.04 10.51
C TRP D 157 5.79 21.40 9.52
N ASN D 158 6.08 22.70 9.41
CA ASN D 158 7.09 23.18 8.48
C ASN D 158 6.91 22.53 7.12
N SER D 159 5.67 22.59 6.64
CA SER D 159 5.33 22.03 5.35
C SER D 159 5.74 20.58 5.18
N GLY D 160 5.65 19.81 6.26
CA GLY D 160 5.99 18.40 6.19
C GLY D 160 7.45 18.05 6.38
N SER D 161 8.32 19.03 6.58
CA SER D 161 9.75 18.77 6.77
C SER D 161 10.02 18.27 8.18
N LEU D 162 9.03 18.40 9.05
CA LEU D 162 9.14 17.93 10.43
C LEU D 162 8.05 16.89 10.64
N SER D 163 8.45 15.62 10.81
CA SER D 163 7.48 14.55 10.99
C SER D 163 7.82 13.71 12.22
N SER D 164 9.11 13.57 12.49
CA SER D 164 9.55 12.84 13.65
C SER D 164 9.13 13.66 14.85
N GLY D 165 8.72 13.02 15.93
CA GLY D 165 8.33 13.77 17.11
C GLY D 165 7.00 14.50 16.97
N VAL D 166 6.24 14.15 15.94
CA VAL D 166 4.93 14.78 15.75
C VAL D 166 3.84 13.83 16.19
N HIS D 167 2.83 14.38 16.86
CA HIS D 167 1.68 13.62 17.30
C HIS D 167 0.45 14.47 17.02
N THR D 168 -0.31 14.09 16.01
CA THR D 168 -1.53 14.82 15.69
C THR D 168 -2.64 13.92 16.24
N PHE D 169 -3.35 14.40 17.24
CA PHE D 169 -4.40 13.62 17.88
C PHE D 169 -5.73 13.56 17.16
N PRO D 170 -6.44 12.43 17.29
CA PRO D 170 -7.74 12.27 16.64
C PRO D 170 -8.63 13.39 17.15
N ALA D 171 -9.42 13.98 16.26
CA ALA D 171 -10.30 15.05 16.67
C ALA D 171 -11.39 14.53 17.59
N VAL D 172 -11.94 15.43 18.40
CA VAL D 172 -13.01 15.08 19.30
C VAL D 172 -14.17 16.01 18.99
N LEU D 173 -15.35 15.45 18.85
CA LEU D 173 -16.54 16.22 18.55
C LEU D 173 -17.17 16.70 19.83
N GLN D 174 -17.28 18.02 19.96
CA GLN D 174 -17.88 18.62 21.14
C GLN D 174 -18.81 19.74 20.73
N SER D 175 -20.09 19.58 21.07
CA SER D 175 -21.10 20.57 20.75
C SER D 175 -21.11 20.96 19.27
N ASP D 176 -21.27 19.95 18.42
CA ASP D 176 -21.34 20.17 16.97
C ASP D 176 -20.06 20.57 16.26
N LEU D 177 -18.96 20.69 17.00
CA LEU D 177 -17.71 21.07 16.37
C LEU D 177 -16.54 20.20 16.81
N TYR D 178 -15.63 19.98 15.88
CA TYR D 178 -14.46 19.17 16.15
C TYR D 178 -13.31 20.04 16.58
N THR D 179 -12.54 19.53 17.54
CA THR D 179 -11.36 20.23 18.01
C THR D 179 -10.27 19.17 18.01
N LEU D 180 -9.09 19.56 17.52
CA LEU D 180 -7.97 18.65 17.44
C LEU D 180 -6.71 19.42 17.80
N SER D 181 -5.68 18.70 18.20
CA SER D 181 -4.44 19.35 18.54
C SER D 181 -3.31 18.51 17.97
N SER D 182 -2.19 19.15 17.72
CA SER D 182 -1.04 18.45 17.21
C SER D 182 0.14 18.95 17.99
N SER D 183 1.04 18.05 18.34
CA SER D 183 2.23 18.43 19.08
C SER D 183 3.45 18.05 18.25
N VAL D 184 4.50 18.85 18.39
CA VAL D 184 5.73 18.60 17.69
C VAL D 184 6.83 18.82 18.71
N THR D 185 7.78 17.90 18.76
CA THR D 185 8.88 18.01 19.70
C THR D 185 10.15 18.15 18.89
N VAL D 186 10.86 19.25 19.13
CA VAL D 186 12.10 19.53 18.40
C VAL D 186 13.21 19.89 19.38
N PRO D 187 14.47 19.71 18.96
CA PRO D 187 15.57 20.06 19.87
C PRO D 187 15.41 21.51 20.30
N SER D 188 15.85 21.81 21.52
CA SER D 188 15.74 23.15 22.06
C SER D 188 16.51 24.17 21.20
N SER D 189 17.50 23.70 20.44
CA SER D 189 18.29 24.59 19.59
C SER D 189 17.60 25.04 18.31
N PRO D 190 16.79 24.17 17.68
CA PRO D 190 16.09 24.55 16.44
C PRO D 190 15.04 25.64 16.62
N TRP D 191 14.59 25.85 17.85
CA TRP D 191 13.55 26.84 18.14
C TRP D 191 13.85 27.59 19.45
N PRO D 192 13.61 28.91 19.50
CA PRO D 192 13.09 29.85 18.48
C PRO D 192 14.01 30.02 17.30
N SER D 193 15.29 29.73 17.51
CA SER D 193 16.33 29.85 16.47
C SER D 193 15.74 29.72 15.08
N GLU D 194 15.19 28.54 14.79
CA GLU D 194 14.57 28.27 13.50
C GLU D 194 13.06 28.33 13.63
N THR D 195 12.38 28.60 12.51
CA THR D 195 10.94 28.72 12.50
C THR D 195 10.20 27.39 12.48
N VAL D 196 9.15 27.31 13.31
CA VAL D 196 8.31 26.12 13.37
C VAL D 196 6.90 26.62 13.11
N THR D 197 6.27 26.09 12.08
CA THR D 197 4.92 26.48 11.71
C THR D 197 4.04 25.26 11.47
N CYS D 198 2.80 25.30 11.94
CA CYS D 198 1.94 24.17 11.66
C CYS D 198 1.07 24.60 10.50
N ASN D 199 0.86 23.68 9.57
CA ASN D 199 0.07 23.93 8.38
C ASN D 199 -1.21 23.12 8.53
N VAL D 200 -2.33 23.84 8.63
CA VAL D 200 -3.63 23.20 8.81
C VAL D 200 -4.47 23.41 7.56
N ALA D 201 -5.04 22.32 7.04
CA ALA D 201 -5.89 22.40 5.87
C ALA D 201 -7.22 21.75 6.21
N HIS D 202 -8.30 22.40 5.77
CA HIS D 202 -9.65 21.90 5.97
C HIS D 202 -10.30 22.01 4.61
N PRO D 203 -10.21 20.94 3.81
CA PRO D 203 -10.79 20.94 2.47
C PRO D 203 -12.28 21.20 2.38
N ALA D 204 -13.05 20.74 3.38
CA ALA D 204 -14.49 20.95 3.36
C ALA D 204 -14.85 22.42 3.22
N SER D 205 -13.96 23.30 3.69
CA SER D 205 -14.21 24.73 3.58
C SER D 205 -13.11 25.41 2.77
N SER D 206 -12.23 24.61 2.20
CA SER D 206 -11.12 25.14 1.41
C SER D 206 -10.33 26.16 2.23
N THR D 207 -9.97 25.77 3.45
CA THR D 207 -9.22 26.64 4.33
C THR D 207 -7.82 26.08 4.57
N LYS D 208 -6.82 26.95 4.43
CA LYS D 208 -5.43 26.56 4.67
C LYS D 208 -4.86 27.64 5.57
N VAL D 209 -4.40 27.24 6.75
CA VAL D 209 -3.82 28.20 7.68
C VAL D 209 -2.43 27.74 8.11
N ASP D 210 -1.51 28.70 8.19
CA ASP D 210 -0.14 28.43 8.60
C ASP D 210 0.13 29.31 9.82
N LYS D 211 0.23 28.70 10.99
CA LYS D 211 0.51 29.47 12.20
C LYS D 211 1.88 29.17 12.75
N LYS D 212 2.74 30.18 12.71
CA LYS D 212 4.09 30.07 13.22
C LYS D 212 4.01 30.05 14.73
N ILE D 213 4.83 29.21 15.35
CA ILE D 213 4.87 29.12 16.80
C ILE D 213 5.90 30.13 17.28
N VAL D 214 5.44 31.18 17.94
CA VAL D 214 6.34 32.21 18.44
C VAL D 214 6.39 32.21 19.96
N PRO D 215 7.60 32.30 20.53
CA PRO D 215 7.82 32.30 21.98
C PRO D 215 6.92 33.30 22.69
N ARG D 216 6.36 32.88 23.82
CA ARG D 216 5.49 33.76 24.59
C ARG D 216 6.41 34.77 25.30
#